data_7ACZ
#
_entry.id   7ACZ
#
_cell.length_a   52.745
_cell.length_b   80.352
_cell.length_c   81.920
_cell.angle_alpha   97.030
_cell.angle_beta   90.219
_cell.angle_gamma   90.217
#
_symmetry.space_group_name_H-M   'P 1'
#
loop_
_entity.id
_entity.type
_entity.pdbx_description
1 polymer 'SLPL deltaD2 (LMW SLP D2 truncation),SLPL deltaD2 (LMW SLP D2 truncation)'
2 polymer 'SLPH (HMW SLP)'
#
loop_
_entity_poly.entity_id
_entity_poly.type
_entity_poly.pdbx_seq_one_letter_code
_entity_poly.pdbx_strand_id
1 'polypeptide(L)'
;AEDMSKVETGDQGYTVVQSKYKKAVEQLQKGLLDGSITEIKIFFEGTLASTIKVGAELSAEDASKLLFTQVDNKLDNLGD
GDYVDFLISSGGSGSPVITKLRILNAKEETIDIDASSSKTAQDLAKKYVFNKTDLNTLYRVLNGDEADTNRLVEEVSGKY
QVVLYPEGKRVTTKSAA
;
A,C
2 'polypeptide(L)'
;KASIADENSPVKLTLKSDKKKDLKDYVDDLRTYNNGYSNAIEVAGEDRIETAIALSQKYYNSDDENAIFRDSVDNVVLVG
GNAIVDGLVASPLASEKKAPLLLTSKDKLDSSVKAEIKRVMNIKSTTGINTSKKVYLAGGVNSISKEVENELKDMGLKVT
RLAGDDRYETSLKIADEVGLDNDKAFVVGGTGLADAMSIAPVASQLRNANGKMDLADGDATPIVVVDGKAKTINDDVKDF
LDDSQVDIIGGENSVSKDVENAIDDATGKSPDRYSGDDRQATNAKVIKESSYYQDNLNNDKKVVNFFVAKDGSTKEDQLV
DALAAAPVAANFGVTLNSDGKPVDKDGKVLTGSDNDKNKLVSPAPIVLATDSLSSDQSVSISKVLDKDNGENLVQVGKGI
ATSVINKLKDLLSM
;
B,D
#
# COMPACT_ATOMS: atom_id res chain seq x y z
N SER A 5 16.59 -21.47 25.70
CA SER A 5 15.49 -21.19 26.61
C SER A 5 15.22 -19.69 26.68
N LYS A 6 14.11 -19.27 26.07
CA LYS A 6 13.71 -17.87 26.05
C LYS A 6 12.19 -17.79 26.19
N VAL A 7 11.72 -16.71 26.80
CA VAL A 7 10.30 -16.47 26.99
C VAL A 7 9.79 -15.58 25.87
N GLU A 8 8.67 -15.98 25.25
CA GLU A 8 8.08 -15.22 24.16
C GLU A 8 6.58 -15.47 24.13
N THR A 9 5.86 -14.53 23.51
CA THR A 9 4.40 -14.61 23.49
C THR A 9 3.93 -15.88 22.78
N GLY A 10 2.76 -16.37 23.19
CA GLY A 10 2.21 -17.61 22.68
C GLY A 10 3.08 -18.80 23.01
N ASP A 11 3.24 -19.05 24.31
CA ASP A 11 4.05 -20.16 24.78
C ASP A 11 3.39 -20.70 26.04
N GLN A 12 3.80 -21.89 26.46
CA GLN A 12 3.12 -22.60 27.52
C GLN A 12 3.63 -22.10 28.87
N GLY A 13 2.76 -21.46 29.65
CA GLY A 13 3.19 -20.92 30.92
C GLY A 13 2.09 -20.15 31.60
N TYR A 14 2.47 -19.45 32.67
CA TYR A 14 1.54 -18.71 33.52
C TYR A 14 1.62 -17.21 33.23
N THR A 15 0.49 -16.54 33.39
CA THR A 15 0.36 -15.11 33.13
C THR A 15 -0.32 -14.44 34.31
N VAL A 16 0.35 -13.44 34.88
CA VAL A 16 -0.15 -12.70 36.04
C VAL A 16 -0.28 -11.23 35.67
N VAL A 17 -1.32 -10.59 36.20
CA VAL A 17 -1.51 -9.15 36.04
C VAL A 17 -0.81 -8.44 37.18
N GLN A 18 -0.54 -7.14 37.00
CA GLN A 18 0.13 -6.38 38.06
C GLN A 18 -0.68 -6.37 39.34
N SER A 19 -2.01 -6.44 39.23
CA SER A 19 -2.88 -6.56 40.41
C SER A 19 -2.52 -7.75 41.28
N LYS A 20 -1.94 -8.80 40.69
CA LYS A 20 -1.55 -9.99 41.44
C LYS A 20 -0.03 -10.08 41.58
N TYR A 21 0.63 -8.91 41.50
CA TYR A 21 2.04 -8.79 41.86
C TYR A 21 2.39 -9.34 43.22
N LYS A 22 1.69 -8.89 44.27
CA LYS A 22 2.07 -9.30 45.63
C LYS A 22 2.04 -10.82 45.78
N LYS A 23 1.05 -11.48 45.18
CA LYS A 23 0.87 -12.92 45.33
C LYS A 23 1.88 -13.75 44.55
N ALA A 24 2.15 -13.36 43.30
CA ALA A 24 3.10 -14.12 42.48
C ALA A 24 4.47 -14.19 43.13
N VAL A 25 5.00 -13.05 43.58
CA VAL A 25 6.36 -13.03 44.15
C VAL A 25 6.41 -13.83 45.45
N GLU A 26 5.34 -13.79 46.25
CA GLU A 26 5.30 -14.60 47.47
C GLU A 26 5.55 -16.08 47.16
N GLN A 27 4.82 -16.60 46.18
CA GLN A 27 4.96 -18.01 45.82
C GLN A 27 6.34 -18.32 45.27
N LEU A 28 6.93 -17.36 44.53
CA LEU A 28 8.31 -17.54 44.08
C LEU A 28 9.28 -17.52 45.25
N GLN A 29 9.07 -16.62 46.21
CA GLN A 29 9.95 -16.55 47.38
C GLN A 29 9.83 -17.78 48.24
N LYS A 30 8.60 -18.16 48.61
CA LYS A 30 8.38 -19.34 49.44
C LYS A 30 8.83 -20.62 48.72
N GLY A 31 8.67 -20.67 47.40
CA GLY A 31 9.22 -21.79 46.65
C GLY A 31 10.74 -21.81 46.67
N LEU A 32 11.35 -20.63 46.66
CA LEU A 32 12.81 -20.53 46.65
C LEU A 32 13.41 -21.08 47.93
N LEU A 33 12.80 -20.78 49.07
CA LEU A 33 13.32 -21.21 50.37
C LEU A 33 13.07 -22.69 50.63
N ASP A 34 11.86 -23.16 50.33
CA ASP A 34 11.47 -24.52 50.65
C ASP A 34 11.95 -25.51 49.60
N GLY A 35 13.20 -25.36 49.17
CA GLY A 35 13.84 -26.26 48.20
C GLY A 35 13.01 -26.63 47.00
N SER A 36 12.19 -25.71 46.51
CA SER A 36 11.30 -25.99 45.39
C SER A 36 11.62 -25.20 44.13
N ILE A 37 12.42 -24.15 44.23
CA ILE A 37 12.90 -23.40 43.07
C ILE A 37 14.41 -23.30 43.13
N THR A 38 15.09 -23.75 42.09
CA THR A 38 16.55 -23.82 42.08
C THR A 38 17.19 -22.59 41.44
N GLU A 39 16.65 -22.12 40.32
CA GLU A 39 17.24 -21.02 39.55
C GLU A 39 16.13 -20.14 39.00
N ILE A 40 16.36 -18.82 39.03
CA ILE A 40 15.43 -17.84 38.48
C ILE A 40 16.18 -16.85 37.61
N LYS A 41 15.68 -16.63 36.39
CA LYS A 41 16.22 -15.64 35.47
C LYS A 41 15.14 -14.60 35.18
N ILE A 42 15.40 -13.35 35.55
CA ILE A 42 14.43 -12.26 35.40
C ILE A 42 14.68 -11.54 34.09
N PHE A 43 13.60 -11.12 33.44
CA PHE A 43 13.66 -10.45 32.14
C PHE A 43 12.81 -9.17 32.19
N PHE A 44 13.46 -8.02 32.13
CA PHE A 44 12.77 -6.74 31.98
C PHE A 44 12.64 -6.39 30.52
N GLU A 45 11.41 -6.26 30.03
CA GLU A 45 11.13 -5.85 28.66
C GLU A 45 11.88 -6.72 27.65
N GLY A 46 11.92 -8.03 27.92
CA GLY A 46 12.59 -8.96 27.03
C GLY A 46 14.10 -8.89 27.05
N THR A 47 14.69 -8.25 28.06
CA THR A 47 16.13 -8.18 28.22
C THR A 47 16.51 -8.75 29.58
N LEU A 48 17.64 -9.45 29.62
CA LEU A 48 18.06 -10.14 30.82
C LEU A 48 18.41 -9.15 31.93
N ALA A 49 17.84 -9.36 33.12
CA ALA A 49 18.07 -8.49 34.27
C ALA A 49 19.19 -9.01 35.17
N SER A 50 18.99 -10.18 35.77
CA SER A 50 20.03 -10.85 36.55
C SER A 50 19.60 -12.29 36.79
N THR A 51 20.58 -13.15 37.06
CA THR A 51 20.36 -14.58 37.27
C THR A 51 20.54 -14.90 38.75
N ILE A 52 19.58 -15.59 39.32
CA ILE A 52 19.64 -16.02 40.72
C ILE A 52 19.83 -17.53 40.74
N LYS A 53 21.04 -17.96 41.07
CA LYS A 53 21.37 -19.38 41.21
C LYS A 53 21.72 -19.65 42.66
N VAL A 54 20.91 -20.47 43.33
CA VAL A 54 21.17 -20.80 44.73
C VAL A 54 22.51 -21.50 44.91
N GLY A 55 22.99 -22.18 43.88
CA GLY A 55 24.29 -22.82 43.93
C GLY A 55 25.46 -21.95 43.52
N ALA A 56 25.23 -20.69 43.19
CA ALA A 56 26.31 -19.79 42.76
C ALA A 56 26.81 -18.96 43.93
N GLU A 57 27.41 -19.67 44.90
CA GLU A 57 27.92 -19.09 46.15
C GLU A 57 26.85 -18.26 46.85
N LEU A 58 25.59 -18.65 46.67
CA LEU A 58 24.46 -17.96 47.25
C LEU A 58 23.67 -18.96 48.11
N SER A 59 22.53 -18.52 48.60
CA SER A 59 21.72 -19.32 49.49
C SER A 59 20.24 -19.05 49.21
N ALA A 60 19.39 -19.92 49.75
CA ALA A 60 17.96 -19.76 49.53
C ALA A 60 17.43 -18.54 50.25
N GLU A 61 17.86 -18.31 51.50
CA GLU A 61 17.39 -17.16 52.25
C GLU A 61 17.85 -15.85 51.64
N ASP A 62 19.07 -15.83 51.09
CA ASP A 62 19.53 -14.63 50.38
C ASP A 62 18.78 -14.45 49.06
N ALA A 63 18.55 -15.55 48.34
CA ALA A 63 17.87 -15.46 47.05
C ALA A 63 16.44 -14.95 47.19
N SER A 64 15.76 -15.31 48.28
CA SER A 64 14.41 -14.81 48.53
C SER A 64 14.40 -13.30 48.69
N LYS A 65 15.34 -12.76 49.47
CA LYS A 65 15.42 -11.32 49.65
C LYS A 65 15.89 -10.62 48.38
N LEU A 66 16.85 -11.23 47.68
CA LEU A 66 17.38 -10.64 46.45
C LEU A 66 16.29 -10.52 45.38
N LEU A 67 15.43 -11.54 45.27
CA LEU A 67 14.39 -11.53 44.23
C LEU A 67 13.45 -10.34 44.40
N PHE A 68 12.95 -10.13 45.62
CA PHE A 68 12.02 -9.03 45.85
C PHE A 68 12.70 -7.68 45.67
N THR A 69 13.96 -7.58 46.08
CA THR A 69 14.69 -6.31 45.96
C THR A 69 14.80 -5.85 44.50
N GLN A 70 15.00 -6.78 43.56
CA GLN A 70 15.19 -6.37 42.17
C GLN A 70 13.90 -5.86 41.55
N VAL A 71 12.78 -6.53 41.82
CA VAL A 71 11.57 -6.35 41.04
C VAL A 71 10.49 -5.58 41.78
N ASP A 72 10.73 -5.21 43.04
CA ASP A 72 9.72 -4.44 43.77
C ASP A 72 9.48 -3.08 43.12
N ASN A 73 10.54 -2.42 42.66
CA ASN A 73 10.39 -1.09 42.08
C ASN A 73 9.89 -1.15 40.64
N LYS A 74 10.43 -2.09 39.84
CA LYS A 74 9.98 -2.23 38.46
C LYS A 74 8.48 -2.52 38.39
N LEU A 75 8.03 -3.51 39.16
CA LEU A 75 6.64 -3.96 39.07
C LEU A 75 5.66 -3.02 39.76
N ASP A 76 6.14 -2.17 40.66
CA ASP A 76 5.27 -1.17 41.28
C ASP A 76 5.10 0.05 40.39
N ASN A 77 5.99 0.24 39.42
CA ASN A 77 5.87 1.32 38.44
C ASN A 77 5.79 0.75 37.02
N LEU A 78 4.78 -0.07 36.75
CA LEU A 78 4.61 -0.66 35.43
C LEU A 78 3.87 0.30 34.52
N GLY A 79 4.28 0.32 33.25
CA GLY A 79 3.61 1.11 32.24
C GLY A 79 2.94 0.24 31.19
N ASP A 80 1.97 0.81 30.46
CA ASP A 80 1.27 0.06 29.43
C ASP A 80 2.24 -0.43 28.36
N GLY A 81 2.43 -1.75 28.29
CA GLY A 81 3.40 -2.33 27.40
C GLY A 81 4.69 -2.76 28.07
N ASP A 82 4.80 -2.59 29.38
CA ASP A 82 5.96 -3.02 30.15
C ASP A 82 5.65 -4.34 30.85
N TYR A 83 6.62 -5.26 30.82
CA TYR A 83 6.38 -6.60 31.33
C TYR A 83 7.68 -7.15 31.92
N VAL A 84 7.52 -8.04 32.90
CA VAL A 84 8.64 -8.70 33.57
C VAL A 84 8.42 -10.21 33.44
N ASP A 85 9.45 -10.91 32.99
CA ASP A 85 9.36 -12.34 32.74
C ASP A 85 10.33 -13.10 33.63
N PHE A 86 9.98 -14.36 33.92
CA PHE A 86 10.80 -15.24 34.75
C PHE A 86 10.96 -16.60 34.08
N LEU A 87 12.17 -17.13 34.13
CA LEU A 87 12.44 -18.52 33.72
C LEU A 87 12.70 -19.32 34.99
N ILE A 88 11.63 -19.86 35.56
CA ILE A 88 11.71 -20.59 36.81
C ILE A 88 12.10 -22.05 36.53
N SER A 89 13.15 -22.52 37.19
CA SER A 89 13.61 -23.90 37.07
C SER A 89 13.43 -24.64 38.39
N SER A 90 12.77 -25.79 38.33
CA SER A 90 12.51 -26.61 39.51
C SER A 90 13.38 -27.87 39.55
N GLY A 91 14.20 -28.09 38.54
CA GLY A 91 15.06 -29.26 38.48
C GLY A 91 15.85 -29.36 37.19
N ILE A 98 12.05 -24.73 32.82
CA ILE A 98 10.95 -25.64 33.14
C ILE A 98 9.63 -24.88 33.25
N THR A 99 9.62 -23.78 34.00
CA THR A 99 8.42 -23.00 34.24
C THR A 99 8.63 -21.56 33.77
N LYS A 100 7.58 -20.96 33.21
CA LYS A 100 7.67 -19.65 32.59
C LYS A 100 6.54 -18.75 33.10
N LEU A 101 6.86 -17.48 33.36
CA LEU A 101 5.90 -16.54 33.92
C LEU A 101 6.05 -15.19 33.23
N ARG A 102 4.94 -14.48 33.05
CA ARG A 102 4.98 -13.10 32.58
C ARG A 102 4.04 -12.26 33.42
N ILE A 103 4.55 -11.15 33.95
CA ILE A 103 3.78 -10.19 34.73
C ILE A 103 3.61 -8.95 33.88
N LEU A 104 2.36 -8.53 33.69
CA LEU A 104 2.00 -7.40 32.84
C LEU A 104 0.92 -6.59 33.55
N ASN A 105 0.67 -5.39 33.04
CA ASN A 105 -0.18 -4.42 33.74
C ASN A 105 -1.54 -4.24 33.07
N ALA A 106 -2.13 -5.33 32.60
CA ALA A 106 -3.50 -5.24 32.08
C ALA A 106 -4.49 -5.06 33.23
N LYS A 107 -5.74 -4.81 32.85
CA LYS A 107 -6.84 -4.77 33.80
C LYS A 107 -7.52 -6.12 33.83
N GLU A 108 -7.99 -6.53 35.01
CA GLU A 108 -8.72 -7.78 35.15
C GLU A 108 -10.20 -7.49 35.37
N GLU A 109 -11.05 -8.16 34.57
CA GLU A 109 -12.50 -8.04 34.67
C GLU A 109 -13.09 -9.44 34.62
N THR A 110 -13.91 -9.78 35.61
CA THR A 110 -14.59 -11.07 35.65
C THR A 110 -16.03 -10.91 35.19
N ILE A 111 -16.48 -11.84 34.35
CA ILE A 111 -17.84 -11.86 33.85
C ILE A 111 -18.51 -13.11 34.41
N ASP A 112 -19.40 -12.92 35.37
CA ASP A 112 -20.20 -14.03 35.90
C ASP A 112 -21.41 -14.19 34.99
N ILE A 113 -21.46 -15.33 34.29
CA ILE A 113 -22.55 -15.56 33.34
C ILE A 113 -23.87 -15.73 34.06
N ASP A 114 -23.84 -16.17 35.32
CA ASP A 114 -25.05 -16.33 36.14
C ASP A 114 -25.55 -14.96 36.62
N ALA A 115 -25.87 -14.10 35.66
CA ALA A 115 -26.23 -12.72 35.96
C ALA A 115 -27.19 -12.17 34.91
N LYS A 119 -22.96 -8.80 31.32
CA LYS A 119 -22.34 -8.64 30.01
C LYS A 119 -22.49 -9.91 29.18
N THR A 120 -23.25 -9.79 28.09
CA THR A 120 -23.45 -10.93 27.20
C THR A 120 -22.28 -11.07 26.24
N ALA A 121 -22.31 -12.15 25.47
CA ALA A 121 -21.21 -12.43 24.54
C ALA A 121 -21.21 -11.50 23.34
N GLN A 122 -22.37 -11.01 22.89
CA GLN A 122 -22.38 -10.16 21.70
C GLN A 122 -21.92 -8.76 22.03
N ASP A 123 -22.03 -8.35 23.29
CA ASP A 123 -21.44 -7.09 23.75
C ASP A 123 -19.96 -7.25 24.02
N LEU A 124 -19.52 -8.46 24.38
CA LEU A 124 -18.10 -8.73 24.59
C LEU A 124 -17.34 -8.74 23.27
N ALA A 125 -17.95 -9.27 22.21
CA ALA A 125 -17.26 -9.40 20.94
C ALA A 125 -17.19 -8.07 20.20
N LYS A 126 -18.24 -7.23 20.30
CA LYS A 126 -18.22 -5.94 19.63
C LYS A 126 -17.21 -4.97 20.25
N LYS A 127 -16.60 -5.35 21.38
CA LYS A 127 -15.64 -4.51 22.08
C LYS A 127 -14.22 -5.03 21.99
N TYR A 128 -14.01 -6.34 22.14
CA TYR A 128 -12.68 -6.92 22.09
C TYR A 128 -12.55 -7.87 20.91
N VAL A 129 -11.32 -8.01 20.42
CA VAL A 129 -11.00 -8.88 19.29
C VAL A 129 -10.25 -10.08 19.84
N PHE A 130 -10.87 -11.25 19.79
CA PHE A 130 -10.29 -12.50 20.26
C PHE A 130 -9.71 -13.28 19.10
N ASN A 131 -8.72 -14.13 19.41
CA ASN A 131 -8.11 -14.99 18.40
C ASN A 131 -9.04 -16.18 18.14
N LYS A 132 -9.39 -16.40 16.87
CA LYS A 132 -10.29 -17.49 16.52
C LYS A 132 -9.70 -18.84 16.88
N THR A 133 -8.40 -19.04 16.61
CA THR A 133 -7.77 -20.33 16.87
C THR A 133 -7.69 -20.61 18.37
N ASP A 134 -7.69 -19.58 19.20
CA ASP A 134 -7.75 -19.80 20.65
C ASP A 134 -9.16 -20.16 21.10
N LEU A 135 -10.17 -19.46 20.56
CA LEU A 135 -11.55 -19.78 20.91
C LEU A 135 -11.99 -21.10 20.29
N ASN A 136 -11.50 -21.43 19.09
CA ASN A 136 -11.80 -22.72 18.48
C ASN A 136 -11.38 -23.87 19.39
N THR A 137 -10.12 -23.87 19.83
CA THR A 137 -9.64 -24.92 20.70
C THR A 137 -10.35 -24.91 22.05
N LEU A 138 -10.65 -23.72 22.58
CA LEU A 138 -11.30 -23.62 23.88
C LEU A 138 -12.71 -24.21 23.86
N TYR A 139 -13.47 -23.94 22.81
CA TYR A 139 -14.81 -24.50 22.68
C TYR A 139 -14.76 -26.03 22.62
N ARG A 140 -13.84 -26.57 21.80
CA ARG A 140 -13.74 -28.01 21.65
C ARG A 140 -13.41 -28.70 22.98
N VAL A 141 -12.40 -28.21 23.68
CA VAL A 141 -12.00 -28.81 24.95
C VAL A 141 -12.99 -28.55 26.07
N LEU A 142 -13.98 -27.67 25.84
CA LEU A 142 -15.00 -27.41 26.84
C LEU A 142 -16.20 -28.33 26.72
N ASN A 143 -16.44 -28.92 25.54
CA ASN A 143 -17.55 -29.84 25.35
C ASN A 143 -17.12 -31.27 25.04
N GLY A 144 -15.97 -31.46 24.40
CA GLY A 144 -15.51 -32.79 24.02
C GLY A 144 -14.45 -32.77 22.95
N ASP A 145 -13.29 -33.34 23.24
CA ASP A 145 -12.16 -33.38 22.32
C ASP A 145 -11.74 -31.98 21.86
N LEU A 152 -6.93 -24.71 28.96
CA LEU A 152 -7.35 -25.43 30.16
C LEU A 152 -8.49 -24.69 30.85
N VAL A 153 -9.33 -25.44 31.55
CA VAL A 153 -10.45 -24.90 32.29
C VAL A 153 -10.35 -25.38 33.74
N GLU A 154 -10.57 -24.48 34.68
CA GLU A 154 -10.38 -24.77 36.09
C GLU A 154 -11.71 -24.69 36.83
N GLU A 155 -11.83 -25.49 37.88
CA GLU A 155 -13.00 -25.53 38.76
C GLU A 155 -12.62 -24.84 40.06
N VAL A 156 -13.10 -23.61 40.24
CA VAL A 156 -12.70 -22.74 41.34
C VAL A 156 -13.93 -22.44 42.19
N SER A 157 -14.02 -23.09 43.36
CA SER A 157 -15.04 -22.79 44.37
C SER A 157 -16.45 -22.89 43.80
N GLY A 158 -16.81 -24.09 43.38
CA GLY A 158 -18.15 -24.36 42.88
C GLY A 158 -18.43 -23.88 41.48
N LYS A 159 -17.56 -23.07 40.89
CA LYS A 159 -17.72 -22.56 39.54
C LYS A 159 -16.72 -23.21 38.59
N TYR A 160 -16.95 -23.02 37.30
CA TYR A 160 -16.05 -23.51 36.26
C TYR A 160 -15.56 -22.28 35.48
N GLN A 161 -14.42 -21.75 35.90
CA GLN A 161 -13.88 -20.54 35.30
C GLN A 161 -13.01 -20.84 34.09
N VAL A 162 -12.97 -19.88 33.17
CA VAL A 162 -12.10 -19.93 32.00
C VAL A 162 -11.55 -18.53 31.74
N VAL A 163 -10.24 -18.43 31.58
CA VAL A 163 -9.55 -17.16 31.35
C VAL A 163 -9.40 -16.92 29.85
N LEU A 164 -9.53 -15.66 29.43
CA LEU A 164 -9.41 -15.28 28.04
C LEU A 164 -8.59 -14.00 27.91
N TYR A 165 -7.76 -13.94 26.88
CA TYR A 165 -6.86 -12.80 26.63
C TYR A 165 -7.10 -12.24 25.24
N PRO A 166 -7.86 -11.17 25.09
CA PRO A 166 -8.10 -10.60 23.75
C PRO A 166 -6.85 -10.00 23.15
N GLU A 167 -6.80 -10.00 21.81
CA GLU A 167 -5.67 -9.40 21.11
C GLU A 167 -5.72 -7.88 21.12
N GLY A 168 -6.92 -7.29 21.23
CA GLY A 168 -7.03 -5.85 21.26
C GLY A 168 -8.48 -5.42 21.33
N LYS A 169 -8.69 -4.12 21.15
CA LYS A 169 -10.03 -3.54 21.18
C LYS A 169 -10.60 -3.43 19.77
N ARG A 170 -11.93 -3.52 19.68
CA ARG A 170 -12.61 -3.55 18.39
C ARG A 170 -12.73 -2.17 17.77
N VAL A 171 -12.53 -2.10 16.46
CA VAL A 171 -12.68 -0.84 15.74
C VAL A 171 -14.14 -0.39 15.79
N THR A 172 -14.35 0.91 15.65
CA THR A 172 -15.70 1.47 15.68
C THR A 172 -15.90 2.48 14.55
N LYS B 1 -3.00 -22.20 33.48
CA LYS B 1 -1.69 -22.61 32.97
C LYS B 1 -1.72 -22.82 31.45
N ALA B 2 -0.53 -22.83 30.85
CA ALA B 2 -0.23 -23.26 29.48
C ALA B 2 -0.42 -22.20 28.40
N SER B 3 -0.50 -20.90 28.72
CA SER B 3 -0.47 -19.88 27.68
C SER B 3 -0.16 -18.52 28.28
N ILE B 4 0.93 -17.91 27.82
CA ILE B 4 1.35 -16.56 28.20
C ILE B 4 0.90 -15.59 27.10
N ALA B 5 0.52 -14.39 27.50
CA ALA B 5 -0.22 -13.46 26.65
C ALA B 5 0.64 -12.32 26.11
N ASP B 6 0.05 -11.57 25.19
CA ASP B 6 0.68 -10.44 24.52
C ASP B 6 0.96 -9.32 25.52
N GLU B 7 2.05 -8.57 25.26
CA GLU B 7 2.46 -7.54 26.22
C GLU B 7 1.36 -6.51 26.44
N ASN B 8 0.56 -6.27 25.41
CA ASN B 8 -0.38 -5.17 25.36
C ASN B 8 -1.84 -5.61 25.44
N SER B 9 -2.09 -6.86 25.82
CA SER B 9 -3.45 -7.35 25.95
C SER B 9 -4.20 -6.46 26.95
N PRO B 10 -5.23 -5.75 26.52
CA PRO B 10 -5.82 -4.71 27.39
C PRO B 10 -6.40 -5.26 28.68
N VAL B 11 -7.21 -6.31 28.61
CA VAL B 11 -7.94 -6.79 29.77
C VAL B 11 -7.79 -8.30 29.87
N LYS B 12 -7.73 -8.79 31.11
CA LYS B 12 -7.76 -10.21 31.41
C LYS B 12 -9.19 -10.57 31.81
N LEU B 13 -9.79 -11.51 31.06
CA LEU B 13 -11.17 -11.90 31.26
C LEU B 13 -11.25 -13.27 31.91
N THR B 14 -12.20 -13.43 32.83
CA THR B 14 -12.49 -14.71 33.47
C THR B 14 -13.99 -14.93 33.42
N LEU B 15 -14.41 -16.06 32.85
CA LEU B 15 -15.82 -16.38 32.67
C LEU B 15 -16.25 -17.36 33.77
N LYS B 16 -17.09 -16.89 34.67
CA LYS B 16 -17.51 -17.67 35.83
C LYS B 16 -18.94 -18.17 35.61
N SER B 17 -19.12 -19.49 35.62
CA SER B 17 -20.42 -20.11 35.45
C SER B 17 -20.56 -21.28 36.41
N ASP B 18 -21.78 -21.49 36.89
CA ASP B 18 -22.04 -22.61 37.80
C ASP B 18 -21.92 -23.95 37.07
N LYS B 19 -22.20 -23.98 35.77
CA LYS B 19 -22.23 -25.21 35.01
C LYS B 19 -21.38 -25.04 33.75
N LYS B 20 -20.68 -26.11 33.36
CA LYS B 20 -19.84 -26.04 32.18
C LYS B 20 -20.65 -25.85 30.91
N LYS B 21 -21.87 -26.38 30.87
CA LYS B 21 -22.71 -26.27 29.68
C LYS B 21 -23.07 -24.82 29.39
N ASP B 22 -23.46 -24.07 30.43
CA ASP B 22 -23.76 -22.66 30.24
C ASP B 22 -22.52 -21.89 29.78
N LEU B 23 -21.33 -22.39 30.09
CA LEU B 23 -20.10 -21.78 29.59
C LEU B 23 -19.90 -22.08 28.11
N LYS B 24 -20.17 -23.32 27.69
CA LYS B 24 -20.11 -23.66 26.28
C LYS B 24 -21.03 -22.77 25.46
N ASP B 25 -22.23 -22.48 25.99
CA ASP B 25 -23.15 -21.61 25.27
C ASP B 25 -22.63 -20.17 25.19
N TYR B 26 -21.77 -19.78 26.12
CA TYR B 26 -21.18 -18.44 26.11
C TYR B 26 -19.91 -18.37 25.26
N VAL B 27 -19.12 -19.44 25.23
CA VAL B 27 -17.95 -19.45 24.37
C VAL B 27 -18.36 -19.56 22.90
N ASP B 28 -19.37 -20.38 22.61
CA ASP B 28 -19.88 -20.48 21.25
C ASP B 28 -20.47 -19.16 20.78
N ASP B 29 -21.27 -18.52 21.64
CA ASP B 29 -21.79 -17.19 21.32
C ASP B 29 -20.65 -16.21 21.08
N LEU B 30 -19.61 -16.27 21.91
CA LEU B 30 -18.45 -15.40 21.73
C LEU B 30 -17.71 -15.74 20.44
N ARG B 31 -17.51 -17.03 20.17
CA ARG B 31 -16.82 -17.44 18.95
C ARG B 31 -17.58 -17.00 17.70
N THR B 32 -18.90 -17.05 17.74
CA THR B 32 -19.70 -16.67 16.57
C THR B 32 -19.67 -15.17 16.34
N TYR B 33 -19.93 -14.38 17.39
CA TYR B 33 -19.96 -12.93 17.22
C TYR B 33 -18.58 -12.36 16.93
N ASN B 34 -17.54 -12.86 17.60
CA ASN B 34 -16.18 -12.39 17.34
C ASN B 34 -15.81 -12.62 15.87
N ASN B 35 -16.13 -13.80 15.34
CA ASN B 35 -15.91 -14.08 13.93
C ASN B 35 -17.05 -13.58 13.05
N GLY B 36 -18.03 -12.90 13.62
CA GLY B 36 -19.13 -12.35 12.86
C GLY B 36 -19.11 -10.84 12.82
N TYR B 37 -18.16 -10.24 13.55
CA TYR B 37 -17.94 -8.80 13.51
C TYR B 37 -16.70 -8.42 12.73
N SER B 38 -15.70 -9.31 12.65
CA SER B 38 -14.48 -9.05 11.91
C SER B 38 -14.49 -9.65 10.51
N ASN B 39 -15.21 -10.75 10.30
CA ASN B 39 -15.27 -11.40 9.00
C ASN B 39 -16.36 -10.83 8.10
N ALA B 40 -17.45 -10.32 8.68
CA ALA B 40 -18.49 -9.63 7.92
C ALA B 40 -18.03 -8.21 7.60
N ILE B 41 -17.95 -7.88 6.32
CA ILE B 41 -17.37 -6.62 5.86
C ILE B 41 -18.48 -5.84 5.13
N GLU B 42 -18.19 -4.57 4.83
CA GLU B 42 -19.08 -3.72 4.06
C GLU B 42 -18.24 -2.81 3.18
N VAL B 43 -18.49 -2.85 1.87
CA VAL B 43 -17.79 -2.01 0.91
C VAL B 43 -18.85 -1.20 0.16
N ALA B 44 -18.87 0.12 0.36
CA ALA B 44 -19.91 0.93 -0.23
C ALA B 44 -19.46 2.39 -0.30
N GLY B 45 -20.21 3.18 -1.05
CA GLY B 45 -20.02 4.61 -1.16
C GLY B 45 -21.33 5.27 -1.49
N GLU B 46 -21.32 6.61 -1.52
CA GLU B 46 -22.56 7.35 -1.75
C GLU B 46 -23.07 7.14 -3.16
N ASP B 47 -22.18 7.19 -4.16
CA ASP B 47 -22.54 6.96 -5.55
C ASP B 47 -21.93 5.64 -6.02
N ARG B 48 -22.46 5.13 -7.12
CA ARG B 48 -21.99 3.85 -7.65
C ARG B 48 -20.54 3.91 -8.12
N ILE B 49 -20.00 5.09 -8.40
CA ILE B 49 -18.62 5.19 -8.87
C ILE B 49 -17.64 4.89 -7.74
N GLU B 50 -17.75 5.61 -6.63
CA GLU B 50 -16.84 5.36 -5.51
C GLU B 50 -17.04 3.99 -4.89
N THR B 51 -18.24 3.42 -5.02
CA THR B 51 -18.46 2.05 -4.55
C THR B 51 -17.55 1.09 -5.29
N ALA B 52 -17.49 1.19 -6.62
CA ALA B 52 -16.58 0.36 -7.40
C ALA B 52 -15.12 0.69 -7.12
N ILE B 53 -14.82 1.95 -6.80
CA ILE B 53 -13.45 2.33 -6.45
C ILE B 53 -13.05 1.67 -5.13
N ALA B 54 -13.90 1.79 -4.11
CA ALA B 54 -13.60 1.16 -2.83
C ALA B 54 -13.50 -0.36 -2.95
N LEU B 55 -14.32 -0.94 -3.83
CA LEU B 55 -14.23 -2.38 -4.08
C LEU B 55 -12.91 -2.73 -4.76
N SER B 56 -12.33 -1.79 -5.50
CA SER B 56 -11.04 -2.00 -6.16
C SER B 56 -9.88 -1.83 -5.17
N GLN B 57 -9.91 -0.75 -4.37
CA GLN B 57 -8.81 -0.47 -3.45
C GLN B 57 -8.63 -1.57 -2.41
N LYS B 58 -9.72 -2.27 -2.06
CA LYS B 58 -9.63 -3.26 -0.99
C LYS B 58 -9.12 -4.61 -1.50
N TYR B 59 -9.54 -5.02 -2.70
CA TYR B 59 -9.25 -6.35 -3.19
C TYR B 59 -8.19 -6.39 -4.27
N TYR B 60 -7.81 -5.25 -4.85
CA TYR B 60 -6.81 -5.19 -5.90
C TYR B 60 -5.67 -4.27 -5.47
N ASN B 61 -4.45 -4.78 -5.53
CA ASN B 61 -3.24 -4.04 -5.18
C ASN B 61 -3.26 -3.53 -3.74
N SER B 62 -3.89 -4.30 -2.85
CA SER B 62 -4.01 -3.94 -1.44
C SER B 62 -3.20 -4.91 -0.59
N ASP B 63 -2.60 -4.39 0.48
CA ASP B 63 -1.80 -5.20 1.39
C ASP B 63 -2.62 -6.00 2.40
N ASP B 64 -3.93 -5.80 2.47
CA ASP B 64 -4.73 -6.50 3.47
C ASP B 64 -4.92 -7.97 3.08
N GLU B 65 -5.41 -8.75 4.03
CA GLU B 65 -5.79 -10.13 3.75
C GLU B 65 -7.11 -10.16 2.98
N ASN B 66 -7.46 -11.34 2.48
CA ASN B 66 -8.69 -11.55 1.71
C ASN B 66 -8.80 -10.59 0.54
N ALA B 67 -7.70 -10.45 -0.19
CA ALA B 67 -7.67 -9.71 -1.44
C ALA B 67 -7.38 -10.67 -2.58
N ILE B 68 -7.57 -10.20 -3.81
CA ILE B 68 -7.30 -11.01 -5.00
C ILE B 68 -5.84 -10.91 -5.41
N PHE B 69 -5.32 -9.70 -5.46
CA PHE B 69 -3.94 -9.44 -5.84
C PHE B 69 -3.30 -8.51 -4.81
N ARG B 70 -2.06 -8.81 -4.45
CA ARG B 70 -1.31 -8.03 -3.48
C ARG B 70 -0.23 -7.18 -4.14
N ASP B 71 -0.20 -7.11 -5.47
CA ASP B 71 0.80 -6.35 -6.18
C ASP B 71 0.12 -5.62 -7.33
N SER B 72 0.93 -5.02 -8.20
CA SER B 72 0.44 -4.21 -9.30
C SER B 72 -0.35 -5.05 -10.30
N VAL B 73 -1.28 -4.40 -10.98
CA VAL B 73 -2.06 -5.01 -12.05
C VAL B 73 -1.61 -4.41 -13.37
N ASP B 74 -1.84 -5.15 -14.46
CA ASP B 74 -1.44 -4.72 -15.80
C ASP B 74 -2.62 -4.36 -16.69
N ASN B 75 -3.85 -4.68 -16.29
CA ASN B 75 -5.03 -4.40 -17.08
C ASN B 75 -6.12 -3.83 -16.20
N VAL B 76 -7.00 -3.02 -16.79
CA VAL B 76 -8.19 -2.50 -16.11
C VAL B 76 -9.35 -2.52 -17.09
N VAL B 77 -10.48 -3.06 -16.64
CA VAL B 77 -11.71 -3.09 -17.45
C VAL B 77 -12.61 -1.96 -16.99
N LEU B 78 -12.92 -1.03 -17.91
CA LEU B 78 -13.69 0.16 -17.60
C LEU B 78 -15.07 0.07 -18.24
N VAL B 79 -16.10 0.39 -17.44
CA VAL B 79 -17.50 0.35 -17.87
C VAL B 79 -18.20 1.61 -17.40
N GLY B 80 -19.18 2.07 -18.18
CA GLY B 80 -19.92 3.27 -17.83
C GLY B 80 -20.76 3.11 -16.57
N GLY B 81 -21.19 4.26 -16.05
CA GLY B 81 -22.03 4.24 -14.86
C GLY B 81 -23.41 3.67 -15.12
N ASN B 82 -24.12 4.23 -16.08
CA ASN B 82 -25.44 3.73 -16.50
C ASN B 82 -25.34 2.79 -17.68
N ALA B 83 -24.29 1.95 -17.70
CA ALA B 83 -24.01 1.06 -18.82
C ALA B 83 -24.30 -0.39 -18.45
N ILE B 84 -25.41 -0.61 -17.74
CA ILE B 84 -25.78 -1.98 -17.36
C ILE B 84 -26.17 -2.80 -18.60
N VAL B 85 -26.70 -2.15 -19.64
CA VAL B 85 -27.09 -2.87 -20.84
C VAL B 85 -25.87 -3.42 -21.57
N ASP B 86 -24.82 -2.61 -21.71
CA ASP B 86 -23.61 -2.98 -22.44
C ASP B 86 -22.41 -2.95 -21.50
N GLY B 87 -22.06 -4.11 -20.96
CA GLY B 87 -20.99 -4.22 -19.99
C GLY B 87 -21.32 -5.24 -18.93
N LEU B 88 -22.55 -5.74 -18.97
CA LEU B 88 -22.99 -6.78 -18.04
C LEU B 88 -22.09 -8.00 -18.14
N VAL B 89 -21.67 -8.35 -19.36
CA VAL B 89 -20.84 -9.53 -19.60
C VAL B 89 -19.36 -9.26 -19.37
N ALA B 90 -19.00 -8.04 -18.97
CA ALA B 90 -17.59 -7.74 -18.75
C ALA B 90 -17.03 -8.36 -17.48
N SER B 91 -17.87 -9.01 -16.67
CA SER B 91 -17.38 -9.62 -15.42
C SER B 91 -16.44 -10.79 -15.70
N PRO B 92 -16.78 -11.77 -16.54
CA PRO B 92 -15.77 -12.78 -16.90
C PRO B 92 -14.58 -12.19 -17.64
N LEU B 93 -14.77 -11.09 -18.38
CA LEU B 93 -13.65 -10.44 -19.05
C LEU B 93 -12.64 -9.92 -18.05
N ALA B 94 -13.10 -9.16 -17.06
CA ALA B 94 -12.20 -8.67 -16.02
C ALA B 94 -11.55 -9.82 -15.27
N SER B 95 -12.20 -10.98 -15.23
CA SER B 95 -11.69 -12.11 -14.46
C SER B 95 -10.48 -12.74 -15.15
N GLU B 96 -10.63 -13.22 -16.39
CA GLU B 96 -9.48 -13.80 -17.09
C GLU B 96 -8.38 -12.77 -17.31
N LYS B 97 -8.75 -11.53 -17.62
CA LYS B 97 -7.74 -10.50 -17.83
C LYS B 97 -7.07 -10.09 -16.54
N LYS B 98 -7.53 -10.62 -15.40
CA LYS B 98 -6.96 -10.32 -14.09
C LYS B 98 -6.91 -8.81 -13.88
N ALA B 99 -8.08 -8.20 -13.95
CA ALA B 99 -8.20 -6.75 -13.93
C ALA B 99 -9.34 -6.34 -13.01
N PRO B 100 -9.22 -5.20 -12.34
CA PRO B 100 -10.35 -4.66 -11.60
C PRO B 100 -11.30 -3.96 -12.54
N LEU B 101 -12.59 -4.18 -12.33
CA LEU B 101 -13.62 -3.58 -13.17
C LEU B 101 -14.09 -2.29 -12.51
N LEU B 102 -13.90 -1.17 -13.20
CA LEU B 102 -14.17 0.15 -12.64
C LEU B 102 -15.26 0.86 -13.42
N LEU B 103 -16.04 1.67 -12.70
CA LEU B 103 -17.16 2.40 -13.28
C LEU B 103 -16.78 3.86 -13.47
N THR B 104 -16.96 4.36 -14.69
CA THR B 104 -16.68 5.75 -15.02
C THR B 104 -17.94 6.43 -15.53
N SER B 105 -17.91 7.76 -15.53
CA SER B 105 -19.03 8.52 -16.08
C SER B 105 -18.96 8.50 -17.61
N LYS B 106 -20.10 8.83 -18.22
CA LYS B 106 -20.22 8.68 -19.68
C LYS B 106 -19.35 9.69 -20.42
N ASP B 107 -19.46 10.96 -20.06
CA ASP B 107 -18.81 12.03 -20.81
C ASP B 107 -17.49 12.49 -20.20
N LYS B 108 -17.36 12.49 -18.88
CA LYS B 108 -16.16 12.96 -18.20
C LYS B 108 -15.47 11.80 -17.51
N LEU B 109 -14.17 11.65 -17.75
CA LEU B 109 -13.38 10.68 -17.00
C LEU B 109 -13.13 11.23 -15.59
N ASP B 110 -13.77 10.63 -14.60
CA ASP B 110 -13.70 11.15 -13.25
C ASP B 110 -12.26 11.16 -12.74
N SER B 111 -11.93 12.20 -11.97
CA SER B 111 -10.61 12.26 -11.35
C SER B 111 -10.42 11.13 -10.34
N SER B 112 -11.49 10.77 -9.64
CA SER B 112 -11.45 9.61 -8.75
C SER B 112 -11.01 8.36 -9.50
N VAL B 113 -11.58 8.14 -10.69
CA VAL B 113 -11.27 6.94 -11.45
C VAL B 113 -9.85 6.99 -12.00
N LYS B 114 -9.49 8.11 -12.64
CA LYS B 114 -8.16 8.24 -13.22
C LYS B 114 -7.07 8.04 -12.18
N ALA B 115 -7.31 8.49 -10.95
CA ALA B 115 -6.36 8.21 -9.87
C ALA B 115 -6.33 6.71 -9.55
N GLU B 116 -7.50 6.07 -9.55
CA GLU B 116 -7.56 4.63 -9.27
C GLU B 116 -6.88 3.83 -10.36
N ILE B 117 -7.01 4.27 -11.62
CA ILE B 117 -6.30 3.60 -12.71
C ILE B 117 -4.80 3.63 -12.46
N LYS B 118 -4.26 4.82 -12.18
CA LYS B 118 -2.82 4.98 -11.95
C LYS B 118 -2.39 4.25 -10.68
N ARG B 119 -3.21 4.31 -9.65
CA ARG B 119 -2.87 3.66 -8.38
C ARG B 119 -2.81 2.14 -8.54
N VAL B 120 -3.85 1.54 -9.11
CA VAL B 120 -3.93 0.08 -9.13
C VAL B 120 -2.88 -0.50 -10.06
N MET B 121 -2.48 0.25 -11.09
CA MET B 121 -1.45 -0.20 -12.02
C MET B 121 -0.05 0.19 -11.57
N ASN B 122 0.08 0.77 -10.38
CA ASN B 122 1.36 1.26 -9.88
C ASN B 122 1.94 2.31 -10.83
N ILE B 123 1.07 3.16 -11.35
CA ILE B 123 1.49 4.26 -12.21
C ILE B 123 1.76 5.48 -11.35
N LYS B 124 2.93 6.07 -11.51
CA LYS B 124 3.36 7.17 -10.67
C LYS B 124 4.11 8.19 -11.51
N SER B 125 4.26 9.39 -10.93
CA SER B 125 4.84 10.53 -11.66
C SER B 125 6.26 10.28 -12.16
N THR B 126 6.98 9.31 -11.59
CA THR B 126 8.33 9.01 -12.04
C THR B 126 8.39 7.89 -13.07
N THR B 127 7.24 7.33 -13.46
CA THR B 127 7.19 6.23 -14.43
C THR B 127 6.44 6.70 -15.67
N GLY B 128 7.01 6.40 -16.84
CA GLY B 128 6.39 6.77 -18.10
C GLY B 128 5.28 5.80 -18.49
N ILE B 129 4.22 6.34 -19.06
CA ILE B 129 3.06 5.56 -19.46
C ILE B 129 3.28 5.02 -20.87
N ASN B 130 3.35 3.71 -20.99
CA ASN B 130 3.54 3.05 -22.27
C ASN B 130 2.36 2.11 -22.53
N THR B 131 2.45 1.35 -23.63
CA THR B 131 1.42 0.40 -23.99
C THR B 131 1.53 -0.94 -23.26
N SER B 132 2.30 -0.99 -22.18
CA SER B 132 2.37 -2.19 -21.35
C SER B 132 1.15 -2.36 -20.45
N LYS B 133 0.34 -1.31 -20.31
CA LYS B 133 -0.86 -1.35 -19.49
C LYS B 133 -2.07 -1.05 -20.38
N LYS B 134 -3.06 -1.93 -20.34
CA LYS B 134 -4.24 -1.82 -21.18
C LYS B 134 -5.47 -1.46 -20.35
N VAL B 135 -6.39 -0.72 -20.98
CA VAL B 135 -7.67 -0.35 -20.39
C VAL B 135 -8.77 -0.79 -21.36
N TYR B 136 -9.48 -1.87 -21.02
CA TYR B 136 -10.53 -2.42 -21.87
C TYR B 136 -11.82 -1.64 -21.65
N LEU B 137 -12.29 -0.95 -22.68
CA LEU B 137 -13.54 -0.19 -22.60
C LEU B 137 -14.68 -1.06 -23.12
N ALA B 138 -15.56 -1.48 -22.20
CA ALA B 138 -16.69 -2.35 -22.53
C ALA B 138 -17.94 -1.48 -22.71
N GLY B 139 -18.43 -1.41 -23.94
CA GLY B 139 -19.66 -0.69 -24.24
C GLY B 139 -19.48 0.22 -25.45
N GLY B 140 -20.63 0.76 -25.88
CA GLY B 140 -20.67 1.66 -27.02
C GLY B 140 -20.34 3.08 -26.64
N VAL B 141 -20.83 4.03 -27.45
CA VAL B 141 -20.55 5.44 -27.20
C VAL B 141 -21.48 6.04 -26.15
N ASN B 142 -22.56 5.35 -25.78
CA ASN B 142 -23.38 5.76 -24.65
C ASN B 142 -22.93 5.13 -23.35
N SER B 143 -21.97 4.20 -23.40
CA SER B 143 -21.35 3.65 -22.21
C SER B 143 -20.08 4.43 -21.85
N ILE B 144 -19.17 4.57 -22.81
CA ILE B 144 -17.93 5.31 -22.63
C ILE B 144 -17.74 6.15 -23.89
N SER B 145 -17.84 7.47 -23.77
CA SER B 145 -17.79 8.35 -24.93
C SER B 145 -16.40 8.39 -25.54
N LYS B 146 -16.30 8.98 -26.73
CA LYS B 146 -15.00 9.19 -27.35
C LYS B 146 -14.16 10.18 -26.57
N GLU B 147 -14.81 11.07 -25.79
CA GLU B 147 -14.07 11.99 -24.95
C GLU B 147 -13.23 11.23 -23.91
N VAL B 148 -13.78 10.17 -23.35
CA VAL B 148 -13.07 9.38 -22.34
C VAL B 148 -12.03 8.49 -23.00
N GLU B 149 -12.36 7.91 -24.16
CA GLU B 149 -11.42 7.07 -24.88
C GLU B 149 -10.17 7.83 -25.27
N ASN B 150 -10.34 9.04 -25.81
CA ASN B 150 -9.19 9.82 -26.25
C ASN B 150 -8.35 10.32 -25.07
N GLU B 151 -8.97 10.55 -23.91
CA GLU B 151 -8.19 10.91 -22.72
C GLU B 151 -7.29 9.75 -22.31
N LEU B 152 -7.85 8.55 -22.17
CA LEU B 152 -7.06 7.39 -21.79
C LEU B 152 -5.97 7.11 -22.82
N LYS B 153 -6.24 7.38 -24.10
CA LYS B 153 -5.22 7.20 -25.13
C LYS B 153 -4.16 8.29 -25.07
N ASP B 154 -4.54 9.52 -24.67
CA ASP B 154 -3.57 10.61 -24.60
C ASP B 154 -2.48 10.33 -23.57
N MET B 155 -2.83 9.66 -22.47
CA MET B 155 -1.84 9.30 -21.45
C MET B 155 -0.79 8.33 -22.00
N GLY B 156 -1.13 7.57 -23.03
CA GLY B 156 -0.24 6.58 -23.59
C GLY B 156 -0.72 5.16 -23.39
N LEU B 157 -1.80 4.97 -22.64
CA LEU B 157 -2.33 3.63 -22.38
C LEU B 157 -2.86 3.00 -23.66
N LYS B 158 -2.74 1.68 -23.75
CA LYS B 158 -3.34 0.92 -24.83
C LYS B 158 -4.82 0.72 -24.53
N VAL B 159 -5.68 1.34 -25.32
CA VAL B 159 -7.11 1.31 -25.11
C VAL B 159 -7.74 0.37 -26.13
N THR B 160 -8.38 -0.69 -25.65
CA THR B 160 -9.10 -1.65 -26.49
C THR B 160 -10.60 -1.49 -26.22
N ARG B 161 -11.34 -1.10 -27.25
CA ARG B 161 -12.78 -0.93 -27.15
C ARG B 161 -13.48 -2.19 -27.62
N LEU B 162 -14.36 -2.74 -26.79
CA LEU B 162 -15.17 -3.91 -27.13
C LEU B 162 -16.61 -3.42 -27.28
N ALA B 163 -16.97 -3.04 -28.50
CA ALA B 163 -18.27 -2.45 -28.77
C ALA B 163 -18.80 -2.95 -30.10
N GLY B 164 -20.11 -2.80 -30.28
CA GLY B 164 -20.77 -3.17 -31.51
C GLY B 164 -21.90 -2.22 -31.86
N ASP B 165 -22.69 -2.56 -32.88
CA ASP B 165 -23.79 -1.70 -33.28
C ASP B 165 -25.00 -1.86 -32.37
N ASP B 166 -25.11 -2.97 -31.65
CA ASP B 166 -26.21 -3.20 -30.72
C ASP B 166 -25.68 -3.84 -29.45
N ARG B 167 -26.53 -3.81 -28.41
CA ARG B 167 -26.20 -4.44 -27.14
C ARG B 167 -25.89 -5.92 -27.32
N TYR B 168 -26.62 -6.61 -28.21
CA TYR B 168 -26.36 -8.02 -28.45
C TYR B 168 -25.04 -8.23 -29.16
N GLU B 169 -24.71 -7.33 -30.11
CA GLU B 169 -23.44 -7.42 -30.81
C GLU B 169 -22.28 -7.03 -29.90
N THR B 170 -22.50 -6.07 -29.00
CA THR B 170 -21.48 -5.69 -28.03
C THR B 170 -21.10 -6.88 -27.15
N SER B 171 -22.09 -7.62 -26.65
CA SER B 171 -21.82 -8.77 -25.79
C SER B 171 -21.06 -9.86 -26.54
N LEU B 172 -21.35 -10.05 -27.84
CA LEU B 172 -20.60 -11.00 -28.63
C LEU B 172 -19.14 -10.58 -28.79
N LYS B 173 -18.91 -9.27 -29.00
CA LYS B 173 -17.54 -8.77 -29.07
C LYS B 173 -16.80 -8.97 -27.76
N ILE B 174 -17.52 -8.89 -26.64
CA ILE B 174 -16.89 -9.11 -25.34
C ILE B 174 -16.63 -10.60 -25.13
N ALA B 175 -17.63 -11.44 -25.41
CA ALA B 175 -17.47 -12.88 -25.23
C ALA B 175 -16.46 -13.48 -26.19
N ASP B 176 -16.13 -12.78 -27.28
CA ASP B 176 -15.06 -13.25 -28.16
C ASP B 176 -13.69 -13.03 -27.53
N GLU B 177 -13.53 -11.97 -26.72
CA GLU B 177 -12.28 -11.74 -26.02
C GLU B 177 -12.10 -12.73 -24.86
N VAL B 178 -13.19 -13.23 -24.30
CA VAL B 178 -13.14 -14.22 -23.23
C VAL B 178 -13.02 -15.61 -23.86
N GLY B 179 -11.92 -16.30 -23.59
CA GLY B 179 -11.65 -17.59 -24.18
C GLY B 179 -12.67 -18.67 -23.88
N LEU B 180 -13.43 -19.08 -24.89
CA LEU B 180 -14.37 -20.19 -24.75
C LEU B 180 -13.58 -21.48 -24.92
N ASP B 181 -12.95 -21.91 -23.82
CA ASP B 181 -12.19 -23.16 -23.82
C ASP B 181 -13.02 -24.32 -23.32
N ASP B 183 -15.74 -25.74 -23.51
CA ASP B 183 -16.91 -25.83 -24.39
C ASP B 183 -18.20 -25.63 -23.60
N LYS B 184 -18.28 -24.50 -22.90
CA LYS B 184 -19.49 -24.13 -22.16
C LYS B 184 -19.75 -22.65 -22.35
N ALA B 185 -21.00 -22.25 -22.13
CA ALA B 185 -21.37 -20.85 -22.29
C ALA B 185 -22.62 -20.56 -21.47
N PHE B 186 -22.98 -19.28 -21.41
CA PHE B 186 -24.18 -18.82 -20.74
C PHE B 186 -24.93 -17.87 -21.66
N VAL B 187 -26.27 -17.91 -21.59
CA VAL B 187 -27.12 -17.09 -22.44
C VAL B 187 -28.17 -16.40 -21.57
N VAL B 188 -28.34 -15.10 -21.78
CA VAL B 188 -29.36 -14.31 -21.10
C VAL B 188 -30.10 -13.49 -22.15
N GLY B 189 -31.28 -13.02 -21.78
CA GLY B 189 -32.19 -12.38 -22.72
C GLY B 189 -32.07 -10.87 -22.85
N GLY B 190 -31.65 -10.20 -21.79
CA GLY B 190 -31.67 -8.77 -21.75
C GLY B 190 -32.99 -8.17 -21.30
N THR B 191 -34.07 -8.96 -21.35
CA THR B 191 -35.31 -8.54 -20.68
C THR B 191 -35.14 -8.59 -19.17
N GLY B 192 -34.50 -9.65 -18.66
CA GLY B 192 -34.19 -9.73 -17.24
C GLY B 192 -32.69 -9.64 -17.00
N LEU B 193 -32.22 -8.46 -16.60
CA LEU B 193 -30.81 -8.28 -16.28
C LEU B 193 -30.46 -8.79 -14.89
N ALA B 194 -31.44 -8.87 -13.99
CA ALA B 194 -31.19 -9.42 -12.66
C ALA B 194 -30.80 -10.89 -12.72
N ASP B 195 -31.47 -11.66 -13.59
CA ASP B 195 -31.10 -13.06 -13.77
C ASP B 195 -29.68 -13.19 -14.30
N ALA B 196 -29.24 -12.25 -15.13
CA ALA B 196 -27.89 -12.32 -15.68
C ALA B 196 -26.84 -12.01 -14.62
N MET B 197 -27.15 -11.10 -13.69
CA MET B 197 -26.20 -10.78 -12.62
C MET B 197 -26.02 -11.96 -11.66
N SER B 198 -27.06 -12.78 -11.49
CA SER B 198 -26.94 -13.97 -10.64
C SER B 198 -25.96 -14.98 -11.20
N ILE B 199 -25.72 -14.95 -12.51
CA ILE B 199 -24.79 -15.89 -13.14
C ILE B 199 -23.42 -15.30 -13.37
N ALA B 200 -23.24 -14.00 -13.13
CA ALA B 200 -21.94 -13.36 -13.33
C ALA B 200 -20.85 -13.95 -12.44
N PRO B 201 -21.06 -14.19 -11.14
CA PRO B 201 -19.98 -14.81 -10.33
C PRO B 201 -19.59 -16.20 -10.81
N VAL B 202 -20.54 -16.98 -11.33
CA VAL B 202 -20.21 -18.33 -11.81
C VAL B 202 -19.41 -18.25 -13.10
N ALA B 203 -19.81 -17.37 -14.01
CA ALA B 203 -19.14 -17.25 -15.30
C ALA B 203 -17.73 -16.68 -15.16
N SER B 204 -17.48 -15.91 -14.11
CA SER B 204 -16.19 -15.26 -13.92
C SER B 204 -15.15 -16.15 -13.23
N GLN B 205 -15.52 -17.37 -12.86
CA GLN B 205 -14.56 -18.26 -12.22
C GLN B 205 -13.56 -18.78 -13.24
N LEU B 206 -12.28 -18.73 -12.89
CA LEU B 206 -11.26 -19.35 -13.74
C LEU B 206 -11.30 -20.85 -13.47
N ARG B 207 -11.99 -21.57 -14.35
CA ARG B 207 -12.31 -22.97 -14.15
C ARG B 207 -11.49 -23.86 -15.08
N ASN B 208 -11.38 -25.12 -14.70
CA ASN B 208 -10.64 -26.12 -15.47
C ASN B 208 -11.57 -26.80 -16.47
N ALA B 209 -10.99 -27.72 -17.23
CA ALA B 209 -11.79 -28.46 -18.22
C ALA B 209 -12.80 -29.37 -17.53
N ASN B 210 -12.44 -29.95 -16.39
CA ASN B 210 -13.30 -30.89 -15.69
C ASN B 210 -14.38 -30.21 -14.85
N GLY B 211 -14.36 -28.89 -14.77
CA GLY B 211 -15.29 -28.15 -13.94
C GLY B 211 -14.72 -27.69 -12.61
N LYS B 212 -13.56 -28.20 -12.22
CA LYS B 212 -12.88 -27.71 -11.02
C LYS B 212 -12.18 -26.38 -11.34
N MET B 213 -11.47 -25.83 -10.37
CA MET B 213 -10.90 -24.49 -10.50
C MET B 213 -9.41 -24.56 -10.72
N ASP B 214 -8.92 -23.77 -11.68
CA ASP B 214 -7.49 -23.66 -11.99
C ASP B 214 -7.19 -22.20 -12.26
N LEU B 215 -6.52 -21.53 -11.33
CA LEU B 215 -6.19 -20.12 -11.52
C LEU B 215 -4.99 -19.93 -12.43
N ALA B 216 -4.23 -20.98 -12.71
CA ALA B 216 -3.13 -20.96 -13.65
C ALA B 216 -3.52 -21.80 -14.87
N ASP B 217 -3.49 -21.18 -16.05
CA ASP B 217 -3.82 -21.81 -17.33
C ASP B 217 -5.29 -22.22 -17.43
N GLY B 218 -6.16 -21.66 -16.57
CA GLY B 218 -7.59 -21.89 -16.67
C GLY B 218 -8.28 -20.71 -17.33
N ASP B 219 -9.54 -20.94 -17.73
CA ASP B 219 -10.33 -19.90 -18.36
C ASP B 219 -11.68 -19.74 -17.65
N ALA B 220 -12.28 -18.58 -17.86
CA ALA B 220 -13.64 -18.27 -17.41
C ALA B 220 -14.62 -18.46 -18.55
N THR B 221 -15.88 -18.65 -18.19
CA THR B 221 -16.91 -18.95 -19.18
C THR B 221 -17.63 -17.68 -19.60
N PRO B 222 -17.71 -17.39 -20.89
CA PRO B 222 -18.34 -16.14 -21.34
C PRO B 222 -19.86 -16.19 -21.29
N ILE B 223 -20.46 -15.00 -21.33
CA ILE B 223 -21.91 -14.82 -21.35
C ILE B 223 -22.29 -14.14 -22.67
N VAL B 224 -23.48 -14.46 -23.17
CA VAL B 224 -24.00 -13.86 -24.39
C VAL B 224 -25.41 -13.36 -24.13
N VAL B 225 -25.77 -12.24 -24.74
CA VAL B 225 -27.12 -11.70 -24.67
C VAL B 225 -27.75 -11.80 -26.05
N VAL B 226 -28.93 -12.44 -26.12
CA VAL B 226 -29.67 -12.60 -27.36
C VAL B 226 -31.11 -12.14 -27.15
N ASP B 227 -31.79 -11.89 -28.26
CA ASP B 227 -33.16 -11.41 -28.21
C ASP B 227 -34.15 -12.56 -28.02
N GLY B 228 -35.12 -12.35 -27.14
CA GLY B 228 -36.17 -13.32 -26.92
C GLY B 228 -37.55 -12.70 -27.00
N LYS B 231 -38.62 -15.31 -31.68
CA LYS B 231 -37.43 -15.04 -32.48
C LYS B 231 -36.65 -16.33 -32.74
N THR B 232 -35.35 -16.19 -32.95
CA THR B 232 -34.47 -17.32 -33.25
C THR B 232 -33.03 -16.86 -33.07
N ILE B 233 -32.09 -17.73 -33.42
CA ILE B 233 -30.66 -17.45 -33.32
C ILE B 233 -30.17 -16.83 -34.63
N ASN B 234 -29.45 -15.72 -34.51
CA ASN B 234 -28.91 -15.00 -35.67
C ASN B 234 -27.69 -15.71 -36.22
N ASP B 235 -27.13 -15.15 -37.29
CA ASP B 235 -26.04 -15.78 -38.01
C ASP B 235 -24.74 -15.77 -37.21
N ASP B 236 -24.55 -14.79 -36.33
CA ASP B 236 -23.27 -14.61 -35.66
C ASP B 236 -23.16 -15.44 -34.38
N VAL B 237 -24.15 -15.34 -33.50
CA VAL B 237 -24.11 -16.09 -32.24
C VAL B 237 -24.09 -17.60 -32.52
N LYS B 238 -24.78 -18.04 -33.58
CA LYS B 238 -24.72 -19.45 -33.95
C LYS B 238 -23.31 -19.85 -34.34
N ASP B 239 -22.57 -18.95 -35.00
CA ASP B 239 -21.18 -19.23 -35.34
C ASP B 239 -20.30 -19.28 -34.10
N PHE B 240 -20.61 -18.43 -33.11
CA PHE B 240 -19.83 -18.41 -31.88
C PHE B 240 -20.02 -19.70 -31.07
N LEU B 241 -21.24 -20.22 -31.04
CA LEU B 241 -21.57 -21.44 -30.32
C LEU B 241 -21.39 -22.64 -31.25
N ASP B 242 -20.26 -23.34 -31.13
CA ASP B 242 -19.99 -24.47 -32.01
C ASP B 242 -20.42 -25.78 -31.36
N ASP B 243 -19.64 -26.26 -30.39
CA ASP B 243 -19.97 -27.47 -29.64
C ASP B 243 -20.08 -27.17 -28.14
N SER B 244 -20.54 -25.97 -27.80
CA SER B 244 -20.58 -25.50 -26.42
C SER B 244 -21.83 -25.95 -25.70
N GLN B 245 -21.67 -26.26 -24.42
CA GLN B 245 -22.80 -26.60 -23.53
C GLN B 245 -23.39 -25.30 -23.00
N VAL B 246 -24.47 -24.85 -23.62
CA VAL B 246 -25.12 -23.61 -23.21
C VAL B 246 -25.92 -23.84 -21.94
N ASP B 247 -25.74 -22.95 -20.96
CA ASP B 247 -26.54 -22.93 -19.74
C ASP B 247 -27.40 -21.67 -19.80
N ILE B 248 -28.58 -21.80 -20.42
CA ILE B 248 -29.45 -20.65 -20.64
C ILE B 248 -30.03 -20.20 -19.30
N ILE B 249 -30.10 -18.88 -19.11
CA ILE B 249 -30.56 -18.28 -17.87
C ILE B 249 -31.78 -17.40 -18.16
N GLY B 250 -32.83 -17.57 -17.35
CA GLY B 250 -34.02 -16.76 -17.45
C GLY B 250 -35.23 -17.58 -17.89
N GLY B 251 -36.40 -17.02 -17.62
CA GLY B 251 -37.65 -17.67 -17.96
C GLY B 251 -38.00 -17.55 -19.42
N GLU B 252 -39.25 -17.94 -19.73
CA GLU B 252 -39.71 -17.82 -21.11
C GLU B 252 -39.87 -16.36 -21.53
N ASN B 253 -40.18 -15.48 -20.58
CA ASN B 253 -40.31 -14.07 -20.90
C ASN B 253 -38.97 -13.43 -21.23
N SER B 254 -37.87 -14.00 -20.74
CA SER B 254 -36.54 -13.50 -21.06
C SER B 254 -36.08 -14.04 -22.41
N VAL B 255 -35.99 -15.37 -22.52
CA VAL B 255 -35.64 -16.06 -23.76
C VAL B 255 -36.71 -17.09 -24.07
N SER B 256 -37.27 -17.01 -25.27
CA SER B 256 -38.38 -17.87 -25.65
C SER B 256 -37.91 -19.30 -25.88
N LYS B 257 -38.88 -20.22 -25.89
CA LYS B 257 -38.58 -21.61 -26.21
C LYS B 257 -38.09 -21.75 -27.64
N ASP B 258 -38.49 -20.82 -28.53
CA ASP B 258 -37.93 -20.80 -29.88
C ASP B 258 -36.43 -20.56 -29.84
N VAL B 259 -35.97 -19.64 -29.00
CA VAL B 259 -34.55 -19.36 -28.88
C VAL B 259 -33.81 -20.56 -28.31
N GLU B 260 -34.46 -21.29 -27.39
CA GLU B 260 -33.86 -22.51 -26.86
C GLU B 260 -33.78 -23.59 -27.94
N ASN B 261 -34.87 -23.77 -28.71
CA ASN B 261 -34.86 -24.78 -29.76
C ASN B 261 -33.83 -24.46 -30.83
N ALA B 262 -33.64 -23.19 -31.15
CA ALA B 262 -32.64 -22.81 -32.14
C ALA B 262 -31.23 -23.13 -31.65
N ILE B 263 -30.97 -22.95 -30.36
CA ILE B 263 -29.68 -23.37 -29.80
C ILE B 263 -29.56 -24.88 -29.86
N ASP B 264 -30.66 -25.60 -29.62
CA ASP B 264 -30.67 -27.05 -29.78
C ASP B 264 -30.22 -27.45 -31.17
N ASP B 265 -30.75 -26.78 -32.20
CA ASP B 265 -30.35 -27.09 -33.57
C ASP B 265 -28.95 -26.58 -33.88
N ALA B 266 -28.52 -25.50 -33.22
CA ALA B 266 -27.23 -24.90 -33.55
C ALA B 266 -26.08 -25.74 -33.03
N THR B 267 -25.96 -25.88 -31.71
CA THR B 267 -24.79 -26.53 -31.12
C THR B 267 -24.96 -28.04 -30.97
N GLY B 268 -26.16 -28.56 -31.17
CA GLY B 268 -26.37 -29.99 -31.07
C GLY B 268 -26.38 -30.55 -29.67
N LYS B 269 -26.45 -29.70 -28.65
CA LYS B 269 -26.51 -30.14 -27.27
C LYS B 269 -27.76 -29.58 -26.60
N SER B 270 -28.23 -30.28 -25.57
CA SER B 270 -29.41 -29.84 -24.84
C SER B 270 -29.04 -28.73 -23.88
N PRO B 271 -29.66 -27.54 -23.98
CA PRO B 271 -29.34 -26.45 -23.06
C PRO B 271 -30.07 -26.59 -21.73
N ASP B 272 -29.31 -26.58 -20.64
CA ASP B 272 -29.90 -26.54 -19.31
C ASP B 272 -30.54 -25.18 -19.06
N ARG B 273 -31.66 -25.18 -18.33
CA ARG B 273 -32.46 -23.98 -18.12
C ARG B 273 -32.66 -23.75 -16.62
N TYR B 274 -32.28 -22.57 -16.16
CA TYR B 274 -32.44 -22.15 -14.77
C TYR B 274 -33.35 -20.93 -14.75
N SER B 275 -34.54 -21.07 -14.17
CA SER B 275 -35.50 -19.98 -14.21
C SER B 275 -36.48 -20.10 -13.05
N GLY B 276 -37.04 -18.95 -12.66
CA GLY B 276 -38.08 -18.91 -11.66
C GLY B 276 -39.03 -17.76 -11.99
N ASP B 277 -40.15 -17.74 -11.26
CA ASP B 277 -41.14 -16.69 -11.48
C ASP B 277 -40.62 -15.31 -11.07
N ASP B 278 -39.64 -15.25 -10.17
CA ASP B 278 -39.12 -14.00 -9.66
C ASP B 278 -37.61 -13.91 -9.91
N ARG B 279 -37.11 -12.68 -9.98
CA ARG B 279 -35.67 -12.47 -10.14
C ARG B 279 -34.88 -13.00 -8.95
N GLN B 280 -35.51 -13.10 -7.78
CA GLN B 280 -34.85 -13.70 -6.63
C GLN B 280 -34.83 -15.22 -6.72
N ALA B 281 -35.93 -15.81 -7.20
CA ALA B 281 -35.99 -17.26 -7.35
C ALA B 281 -34.95 -17.78 -8.34
N THR B 282 -34.74 -17.03 -9.43
CA THR B 282 -33.68 -17.38 -10.37
C THR B 282 -32.32 -17.38 -9.67
N ASN B 283 -32.10 -16.40 -8.79
CA ASN B 283 -30.86 -16.35 -8.03
C ASN B 283 -30.70 -17.58 -7.15
N ALA B 284 -31.78 -17.98 -6.47
CA ALA B 284 -31.73 -19.14 -5.58
C ALA B 284 -31.29 -20.40 -6.34
N LYS B 285 -31.93 -20.66 -7.49
CA LYS B 285 -31.61 -21.87 -8.25
C LYS B 285 -30.18 -21.86 -8.77
N VAL B 286 -29.61 -20.68 -9.00
CA VAL B 286 -28.21 -20.60 -9.42
C VAL B 286 -27.28 -20.95 -8.26
N ILE B 287 -27.62 -20.53 -7.05
CA ILE B 287 -26.75 -20.79 -5.90
C ILE B 287 -26.75 -22.27 -5.54
N LYS B 288 -27.92 -22.91 -5.58
CA LYS B 288 -28.01 -24.31 -5.18
C LYS B 288 -27.58 -25.28 -6.28
N GLU B 289 -27.13 -24.78 -7.44
CA GLU B 289 -26.64 -25.68 -8.48
C GLU B 289 -25.29 -26.26 -8.08
N SER B 290 -25.21 -27.59 -8.04
CA SER B 290 -24.01 -28.27 -7.57
C SER B 290 -22.82 -27.98 -8.49
N SER B 291 -23.02 -28.08 -9.80
CA SER B 291 -21.94 -27.89 -10.75
C SER B 291 -21.47 -26.44 -10.85
N TYR B 292 -22.09 -25.52 -10.12
CA TYR B 292 -21.71 -24.11 -10.17
C TYR B 292 -20.69 -23.75 -9.09
N TYR B 293 -20.99 -24.06 -7.83
CA TYR B 293 -20.14 -23.67 -6.71
C TYR B 293 -19.56 -24.88 -5.99
N GLN B 294 -20.39 -25.84 -5.60
CA GLN B 294 -19.93 -26.93 -4.74
C GLN B 294 -18.95 -27.84 -5.46
N ASP B 295 -19.22 -28.17 -6.72
CA ASP B 295 -18.38 -29.10 -7.47
C ASP B 295 -17.17 -28.43 -8.10
N ASN B 296 -17.04 -27.12 -8.00
CA ASN B 296 -15.89 -26.40 -8.53
C ASN B 296 -14.74 -26.30 -7.54
N LEU B 297 -14.85 -26.97 -6.39
CA LEU B 297 -13.89 -26.82 -5.31
C LEU B 297 -12.94 -28.01 -5.30
N ASN B 298 -11.64 -27.72 -5.33
CA ASN B 298 -10.64 -28.78 -5.20
C ASN B 298 -10.54 -29.28 -3.77
N ASN B 299 -10.75 -28.40 -2.79
CA ASN B 299 -10.76 -28.80 -1.40
C ASN B 299 -12.02 -29.62 -1.09
N ASP B 300 -12.03 -30.24 0.10
CA ASP B 300 -13.13 -31.06 0.56
C ASP B 300 -14.13 -30.30 1.42
N LYS B 301 -14.22 -28.99 1.27
CA LYS B 301 -15.18 -28.19 2.00
C LYS B 301 -16.33 -27.76 1.09
N LYS B 302 -17.26 -27.01 1.65
CA LYS B 302 -18.39 -26.47 0.92
C LYS B 302 -18.27 -24.95 0.84
N VAL B 303 -19.36 -24.29 0.44
CA VAL B 303 -19.33 -22.85 0.21
C VAL B 303 -19.27 -22.14 1.55
N VAL B 304 -18.15 -21.44 1.80
CA VAL B 304 -17.96 -20.72 3.04
C VAL B 304 -17.95 -19.22 2.86
N ASN B 305 -17.82 -18.72 1.64
CA ASN B 305 -17.72 -17.30 1.35
C ASN B 305 -19.00 -16.83 0.66
N PHE B 306 -19.50 -15.65 1.04
CA PHE B 306 -20.74 -15.17 0.48
C PHE B 306 -20.68 -13.66 0.24
N PHE B 307 -21.44 -13.21 -0.76
CA PHE B 307 -21.58 -11.81 -1.13
C PHE B 307 -23.04 -11.41 -1.10
N VAL B 308 -23.30 -10.12 -0.93
CA VAL B 308 -24.66 -9.59 -0.92
C VAL B 308 -24.69 -8.31 -1.74
N ALA B 309 -25.71 -8.17 -2.57
CA ALA B 309 -25.86 -6.98 -3.40
C ALA B 309 -27.33 -6.69 -3.63
N LYS B 310 -27.60 -5.51 -4.17
CA LYS B 310 -28.96 -5.10 -4.46
C LYS B 310 -29.46 -5.75 -5.75
N ASP B 311 -30.78 -5.72 -5.93
CA ASP B 311 -31.44 -6.23 -7.13
C ASP B 311 -32.06 -5.07 -7.91
N GLY B 312 -32.85 -5.42 -8.92
CA GLY B 312 -33.50 -4.42 -9.75
C GLY B 312 -34.95 -4.15 -9.38
N SER B 313 -35.29 -4.36 -8.11
CA SER B 313 -36.66 -4.07 -7.65
C SER B 313 -36.92 -2.58 -7.64
N THR B 314 -36.11 -1.82 -6.90
CA THR B 314 -36.25 -0.36 -6.88
C THR B 314 -35.85 0.24 -8.23
N LYS B 315 -34.59 0.05 -8.62
CA LYS B 315 -34.08 0.52 -9.89
C LYS B 315 -33.08 -0.49 -10.41
N GLU B 316 -33.28 -0.96 -11.65
CA GLU B 316 -32.39 -1.95 -12.23
C GLU B 316 -30.97 -1.43 -12.37
N ASP B 317 -30.81 -0.11 -12.49
CA ASP B 317 -29.47 0.48 -12.54
C ASP B 317 -28.66 0.13 -11.31
N GLN B 318 -29.32 0.02 -10.14
CA GLN B 318 -28.62 -0.26 -8.89
C GLN B 318 -27.89 -1.61 -8.93
N LEU B 319 -28.33 -2.53 -9.79
CA LEU B 319 -27.69 -3.84 -9.90
C LEU B 319 -26.25 -3.77 -10.39
N VAL B 320 -25.81 -2.62 -10.92
CA VAL B 320 -24.43 -2.50 -11.40
C VAL B 320 -23.43 -2.71 -10.27
N ASP B 321 -23.88 -2.57 -9.01
CA ASP B 321 -23.00 -2.84 -7.88
C ASP B 321 -22.53 -4.29 -7.86
N ALA B 322 -23.45 -5.22 -8.17
CA ALA B 322 -23.08 -6.63 -8.16
C ALA B 322 -22.19 -7.00 -9.33
N LEU B 323 -22.16 -6.18 -10.38
CA LEU B 323 -21.35 -6.47 -11.56
C LEU B 323 -19.86 -6.38 -11.24
N ALA B 324 -19.43 -5.29 -10.61
CA ALA B 324 -18.01 -5.11 -10.29
C ALA B 324 -17.54 -6.10 -9.23
N ALA B 325 -18.44 -6.59 -8.38
CA ALA B 325 -18.09 -7.54 -7.34
C ALA B 325 -17.93 -8.97 -7.86
N ALA B 326 -18.39 -9.25 -9.08
CA ALA B 326 -18.29 -10.61 -9.61
C ALA B 326 -16.83 -11.04 -9.83
N PRO B 327 -15.97 -10.26 -10.48
CA PRO B 327 -14.55 -10.67 -10.56
C PRO B 327 -13.92 -10.88 -9.20
N VAL B 328 -14.43 -10.22 -8.16
CA VAL B 328 -13.90 -10.40 -6.82
C VAL B 328 -14.40 -11.71 -6.22
N ALA B 329 -15.71 -11.96 -6.33
CA ALA B 329 -16.30 -13.15 -5.74
C ALA B 329 -15.85 -14.43 -6.43
N ALA B 330 -15.43 -14.34 -7.70
CA ALA B 330 -14.98 -15.53 -8.41
C ALA B 330 -13.69 -16.08 -7.82
N ASN B 331 -12.67 -15.24 -7.69
CA ASN B 331 -11.38 -15.66 -7.13
C ASN B 331 -11.30 -15.09 -5.73
N PHE B 332 -11.76 -15.86 -4.74
CA PHE B 332 -11.81 -15.37 -3.38
C PHE B 332 -11.35 -16.48 -2.46
N GLY B 333 -10.77 -16.10 -1.33
CA GLY B 333 -10.15 -17.05 -0.42
C GLY B 333 -8.64 -17.17 -0.57
N VAL B 334 -8.06 -16.57 -1.60
CA VAL B 334 -6.63 -16.61 -1.85
C VAL B 334 -6.17 -15.22 -2.27
N THR B 335 -4.95 -14.87 -1.90
CA THR B 335 -4.32 -13.61 -2.31
C THR B 335 -3.05 -13.93 -3.09
N LEU B 336 -2.95 -13.41 -4.32
CA LEU B 336 -1.87 -13.74 -5.23
C LEU B 336 -0.91 -12.57 -5.40
N ASN B 337 0.39 -12.88 -5.53
CA ASN B 337 1.41 -11.87 -5.74
C ASN B 337 1.67 -11.74 -7.25
N SER B 338 2.81 -11.13 -7.62
CA SER B 338 3.15 -10.96 -9.04
C SER B 338 3.41 -12.30 -9.74
N ASP B 339 3.98 -13.27 -9.02
CA ASP B 339 4.31 -14.56 -9.61
C ASP B 339 3.16 -15.56 -9.57
N GLY B 340 2.04 -15.20 -8.93
CA GLY B 340 0.92 -16.11 -8.83
C GLY B 340 0.99 -17.08 -7.67
N LYS B 341 1.73 -16.73 -6.61
CA LYS B 341 1.87 -17.53 -5.40
C LYS B 341 1.06 -16.95 -4.26
N PRO B 342 0.48 -17.79 -3.41
CA PRO B 342 -0.37 -17.30 -2.32
C PRO B 342 0.45 -16.68 -1.19
N VAL B 343 -0.16 -15.71 -0.50
CA VAL B 343 0.50 -14.92 0.52
C VAL B 343 -0.47 -14.67 1.68
N ASP B 344 0.10 -14.16 2.78
CA ASP B 344 -0.65 -13.58 3.89
C ASP B 344 -0.10 -12.18 4.15
N LYS B 345 1.22 -12.09 4.27
CA LYS B 345 1.93 -10.82 4.07
C LYS B 345 3.07 -11.10 3.10
N ASP B 346 3.53 -12.35 3.08
CA ASP B 346 4.55 -12.82 2.14
C ASP B 346 4.40 -14.33 2.04
N GLY B 347 5.28 -14.95 1.26
CA GLY B 347 5.21 -16.38 1.05
C GLY B 347 5.72 -16.85 -0.30
N ASP B 354 -0.01 -28.66 0.14
CA ASP B 354 -1.09 -28.54 1.12
C ASP B 354 -1.82 -27.21 0.97
N ASN B 355 -1.08 -26.14 0.71
CA ASN B 355 -1.61 -24.80 0.56
C ASN B 355 -1.51 -24.31 -0.89
N ASP B 356 -1.86 -25.16 -1.84
CA ASP B 356 -1.85 -24.77 -3.25
C ASP B 356 -2.96 -23.77 -3.52
N LYS B 357 -2.74 -22.91 -4.53
CA LYS B 357 -3.71 -21.87 -4.83
C LYS B 357 -5.08 -22.46 -5.15
N ASN B 358 -5.14 -23.39 -6.12
CA ASN B 358 -6.41 -23.95 -6.53
C ASN B 358 -7.13 -24.67 -5.40
N LYS B 359 -6.37 -25.25 -4.48
CA LYS B 359 -6.96 -25.92 -3.32
C LYS B 359 -7.48 -24.92 -2.28
N LEU B 360 -6.99 -23.67 -2.32
CA LEU B 360 -7.37 -22.64 -1.37
C LEU B 360 -8.45 -21.69 -1.88
N VAL B 361 -8.73 -21.72 -3.18
CA VAL B 361 -9.77 -20.84 -3.73
C VAL B 361 -11.14 -21.36 -3.32
N SER B 362 -11.98 -20.45 -2.84
CA SER B 362 -13.38 -20.74 -2.52
C SER B 362 -14.22 -19.57 -3.00
N PRO B 363 -14.80 -19.65 -4.20
CA PRO B 363 -15.61 -18.53 -4.70
C PRO B 363 -16.83 -18.29 -3.84
N ALA B 364 -17.42 -17.11 -4.03
CA ALA B 364 -18.56 -16.67 -3.25
C ALA B 364 -19.73 -16.31 -4.16
N PRO B 365 -20.91 -16.87 -3.91
CA PRO B 365 -22.09 -16.46 -4.70
C PRO B 365 -22.60 -15.10 -4.24
N ILE B 366 -23.02 -14.29 -5.21
CA ILE B 366 -23.63 -13.00 -4.91
C ILE B 366 -25.13 -13.21 -4.72
N VAL B 367 -25.63 -12.84 -3.55
CA VAL B 367 -27.05 -12.96 -3.25
C VAL B 367 -27.73 -11.63 -3.54
N LEU B 368 -28.79 -11.66 -4.34
CA LEU B 368 -29.50 -10.45 -4.77
C LEU B 368 -30.68 -10.21 -3.84
N ALA B 369 -30.62 -9.13 -3.07
CA ALA B 369 -31.70 -8.73 -2.17
C ALA B 369 -31.51 -7.29 -1.72
N THR B 370 -32.56 -6.49 -1.82
CA THR B 370 -32.53 -5.10 -1.38
C THR B 370 -33.41 -4.86 -0.16
N ASP B 371 -34.66 -5.31 -0.19
CA ASP B 371 -35.60 -5.09 0.90
C ASP B 371 -35.75 -6.32 1.80
N SER B 372 -35.87 -7.52 1.23
CA SER B 372 -36.09 -8.72 2.02
C SER B 372 -35.51 -9.92 1.30
N LEU B 373 -35.17 -10.94 2.08
CA LEU B 373 -34.60 -12.18 1.56
C LEU B 373 -35.68 -13.24 1.44
N SER B 374 -35.80 -13.83 0.25
CA SER B 374 -36.83 -14.82 -0.03
C SER B 374 -36.58 -16.12 0.73
N SER B 375 -37.65 -16.90 0.87
CA SER B 375 -37.53 -18.22 1.49
C SER B 375 -36.76 -19.18 0.60
N ASP B 376 -36.89 -19.05 -0.72
CA ASP B 376 -36.14 -19.90 -1.64
C ASP B 376 -34.65 -19.60 -1.56
N GLN B 377 -34.28 -18.31 -1.51
CA GLN B 377 -32.89 -17.93 -1.35
C GLN B 377 -32.32 -18.44 -0.04
N SER B 378 -33.14 -18.39 1.03
CA SER B 378 -32.69 -18.90 2.33
C SER B 378 -32.42 -20.39 2.27
N VAL B 379 -33.34 -21.16 1.68
CA VAL B 379 -33.15 -22.61 1.59
C VAL B 379 -31.95 -22.94 0.73
N SER B 380 -31.79 -22.24 -0.39
CA SER B 380 -30.66 -22.50 -1.29
C SER B 380 -29.33 -22.20 -0.61
N ILE B 381 -29.24 -21.04 0.06
CA ILE B 381 -28.00 -20.67 0.74
C ILE B 381 -27.70 -21.63 1.88
N SER B 382 -28.72 -22.15 2.55
CA SER B 382 -28.50 -23.12 3.63
C SER B 382 -27.97 -24.44 3.10
N LYS B 383 -28.35 -24.81 1.87
CA LYS B 383 -27.88 -26.07 1.30
C LYS B 383 -26.38 -26.06 1.05
N VAL B 384 -25.84 -24.94 0.55
CA VAL B 384 -24.44 -24.89 0.14
C VAL B 384 -23.46 -24.66 1.28
N LEU B 385 -23.95 -24.32 2.47
CA LEU B 385 -23.05 -23.97 3.56
C LEU B 385 -22.34 -25.21 4.11
N ASP B 386 -21.09 -25.04 4.51
CA ASP B 386 -20.31 -26.10 5.11
C ASP B 386 -20.73 -26.32 6.57
N LYS B 387 -20.40 -27.51 7.09
CA LYS B 387 -20.70 -27.84 8.47
C LYS B 387 -20.09 -26.83 9.44
N ASP B 388 -18.82 -26.48 9.22
CA ASP B 388 -18.15 -25.49 10.06
C ASP B 388 -18.70 -24.08 9.88
N ASN B 389 -19.60 -23.88 8.92
CA ASN B 389 -20.35 -22.64 8.71
C ASN B 389 -19.51 -21.51 8.13
N GLY B 390 -20.14 -20.36 7.93
CA GLY B 390 -19.56 -19.23 7.21
C GLY B 390 -18.21 -18.73 7.68
N GLU B 391 -17.41 -18.22 6.75
CA GLU B 391 -16.10 -17.65 7.06
C GLU B 391 -15.88 -16.24 6.53
N ASN B 392 -16.64 -15.79 5.52
CA ASN B 392 -16.50 -14.45 4.99
C ASN B 392 -17.80 -14.01 4.35
N LEU B 393 -18.27 -12.81 4.71
CA LEU B 393 -19.45 -12.20 4.11
C LEU B 393 -19.13 -10.76 3.75
N VAL B 394 -19.50 -10.36 2.53
CA VAL B 394 -19.21 -9.02 2.03
C VAL B 394 -20.51 -8.38 1.55
N GLN B 395 -20.81 -7.18 2.07
CA GLN B 395 -21.96 -6.40 1.67
C GLN B 395 -21.49 -5.27 0.76
N VAL B 396 -21.85 -5.34 -0.52
CA VAL B 396 -21.41 -4.38 -1.52
C VAL B 396 -22.54 -3.41 -1.81
N GLY B 397 -22.30 -2.12 -1.55
CA GLY B 397 -23.26 -1.08 -1.84
C GLY B 397 -24.07 -0.68 -0.62
N LYS B 398 -24.74 0.46 -0.77
CA LYS B 398 -25.61 1.00 0.27
C LYS B 398 -27.07 0.74 -0.08
N GLY B 399 -27.94 0.95 0.90
CA GLY B 399 -29.36 0.79 0.71
C GLY B 399 -29.89 -0.60 0.96
N ILE B 400 -29.03 -1.58 1.26
CA ILE B 400 -29.49 -2.92 1.59
C ILE B 400 -30.09 -2.91 2.98
N ALA B 401 -31.29 -3.48 3.11
CA ALA B 401 -31.99 -3.48 4.38
C ALA B 401 -31.23 -4.30 5.43
N THR B 402 -31.32 -3.86 6.68
CA THR B 402 -30.71 -4.59 7.78
C THR B 402 -31.40 -5.93 8.03
N SER B 403 -32.67 -6.05 7.64
CA SER B 403 -33.36 -7.32 7.77
C SER B 403 -32.63 -8.42 7.02
N VAL B 404 -32.18 -8.12 5.79
CA VAL B 404 -31.50 -9.12 4.98
C VAL B 404 -30.17 -9.51 5.63
N ILE B 405 -29.39 -8.53 6.05
CA ILE B 405 -28.09 -8.81 6.65
C ILE B 405 -28.26 -9.61 7.93
N ASN B 406 -29.33 -9.34 8.68
CA ASN B 406 -29.60 -10.10 9.89
C ASN B 406 -29.88 -11.57 9.56
N LYS B 407 -30.70 -11.81 8.53
CA LYS B 407 -31.01 -13.18 8.13
C LYS B 407 -29.76 -13.89 7.62
N LEU B 408 -28.92 -13.20 6.85
CA LEU B 408 -27.68 -13.81 6.36
C LEU B 408 -26.78 -14.24 7.51
N LYS B 409 -26.59 -13.36 8.51
CA LYS B 409 -25.72 -13.71 9.63
C LYS B 409 -26.26 -14.91 10.40
N ASP B 410 -27.57 -15.13 10.38
CA ASP B 410 -28.14 -16.31 11.02
C ASP B 410 -27.90 -17.57 10.19
N LEU B 411 -28.02 -17.45 8.88
CA LEU B 411 -27.79 -18.61 8.00
C LEU B 411 -26.32 -19.01 8.00
N LEU B 412 -25.41 -18.04 8.06
CA LEU B 412 -23.98 -18.31 7.98
C LEU B 412 -23.32 -18.49 9.34
N SER B 413 -24.06 -18.24 10.42
CA SER B 413 -23.54 -18.30 11.79
C SER B 413 -22.34 -17.37 11.96
N MET B 414 -22.57 -16.09 11.68
CA MET B 414 -21.56 -15.07 11.92
C MET B 414 -22.19 -13.79 12.47
N SER C 5 21.11 -17.10 -26.49
CA SER C 5 20.15 -18.18 -26.26
C SER C 5 18.74 -17.65 -26.08
N LYS C 6 18.65 -16.43 -25.55
CA LYS C 6 17.36 -15.78 -25.34
C LYS C 6 17.48 -14.29 -25.64
N VAL C 7 16.39 -13.72 -26.14
CA VAL C 7 16.29 -12.30 -26.46
C VAL C 7 15.61 -11.59 -25.29
N GLU C 8 16.15 -10.44 -24.91
CA GLU C 8 15.61 -9.72 -23.76
C GLU C 8 15.76 -8.22 -23.99
N THR C 9 14.96 -7.45 -23.25
CA THR C 9 14.91 -6.01 -23.41
C THR C 9 16.25 -5.33 -23.13
N GLY C 10 17.04 -5.90 -22.23
CA GLY C 10 18.31 -5.31 -21.86
C GLY C 10 19.53 -5.98 -22.46
N ASP C 11 19.69 -5.92 -23.79
CA ASP C 11 20.81 -6.58 -24.43
C ASP C 11 21.36 -5.72 -25.57
N GLN C 12 22.57 -6.09 -25.99
CA GLN C 12 23.31 -5.36 -27.01
C GLN C 12 22.85 -5.90 -28.37
N GLY C 13 22.22 -5.04 -29.16
CA GLY C 13 21.71 -5.50 -30.44
C GLY C 13 20.95 -4.39 -31.15
N TYR C 14 20.30 -4.77 -32.25
CA TYR C 14 19.61 -3.81 -33.10
C TYR C 14 18.11 -3.84 -32.86
N THR C 15 17.50 -2.68 -33.04
CA THR C 15 16.06 -2.51 -32.82
C THR C 15 15.49 -1.75 -34.01
N VAL C 16 14.48 -2.33 -34.65
CA VAL C 16 13.86 -1.77 -35.85
C VAL C 16 12.39 -1.53 -35.58
N VAL C 17 11.85 -0.46 -36.18
CA VAL C 17 10.44 -0.15 -36.09
C VAL C 17 9.69 -0.83 -37.23
N GLN C 18 8.37 -0.98 -37.06
CA GLN C 18 7.55 -1.66 -38.07
C GLN C 18 7.58 -0.94 -39.41
N SER C 19 7.72 0.39 -39.40
CA SER C 19 7.83 1.14 -40.64
C SER C 19 8.91 0.62 -41.57
N LYS C 20 9.96 -0.01 -41.02
CA LYS C 20 11.06 -0.52 -41.82
C LYS C 20 11.25 -2.04 -41.71
N TYR C 21 10.20 -2.81 -41.38
CA TYR C 21 10.39 -4.26 -41.36
C TYR C 21 10.86 -4.76 -42.71
N LYS C 22 10.24 -4.27 -43.79
CA LYS C 22 10.57 -4.74 -45.12
C LYS C 22 12.07 -4.57 -45.40
N LYS C 23 12.67 -3.47 -44.92
CA LYS C 23 14.08 -3.25 -45.15
C LYS C 23 14.92 -4.19 -44.29
N ALA C 24 14.50 -4.39 -43.03
CA ALA C 24 15.20 -5.32 -42.16
C ALA C 24 15.21 -6.73 -42.76
N VAL C 25 14.05 -7.20 -43.22
CA VAL C 25 13.96 -8.55 -43.76
C VAL C 25 14.78 -8.68 -45.04
N GLU C 26 14.80 -7.63 -45.88
CA GLU C 26 15.65 -7.65 -47.08
C GLU C 26 17.09 -7.95 -46.71
N GLN C 27 17.63 -7.23 -45.72
CA GLN C 27 19.03 -7.42 -45.34
C GLN C 27 19.25 -8.81 -44.76
N LEU C 28 18.27 -9.35 -44.04
CA LEU C 28 18.36 -10.72 -43.56
C LEU C 28 18.32 -11.71 -44.72
N GLN C 29 17.45 -11.46 -45.69
CA GLN C 29 17.35 -12.35 -46.86
C GLN C 29 18.61 -12.26 -47.72
N LYS C 30 19.00 -11.04 -48.09
CA LYS C 30 20.21 -10.87 -48.90
C LYS C 30 21.46 -11.33 -48.15
N GLY C 31 21.48 -11.17 -46.83
CA GLY C 31 22.58 -11.70 -46.05
C GLY C 31 22.64 -13.22 -46.08
N LEU C 32 21.48 -13.87 -46.10
CA LEU C 32 21.43 -15.33 -46.09
C LEU C 32 21.98 -15.91 -47.39
N LEU C 33 21.48 -15.44 -48.53
CA LEU C 33 21.91 -15.98 -49.82
C LEU C 33 23.21 -15.34 -50.31
N ASP C 34 23.28 -14.01 -50.31
CA ASP C 34 24.47 -13.30 -50.77
C ASP C 34 25.48 -13.12 -49.65
N GLY C 35 25.69 -14.17 -48.88
CA GLY C 35 26.62 -14.15 -47.78
C GLY C 35 26.33 -15.33 -46.87
N SER C 36 26.92 -15.27 -45.67
CA SER C 36 26.79 -16.38 -44.73
C SER C 36 26.04 -15.95 -43.47
N ILE C 37 24.81 -16.46 -43.34
CA ILE C 37 24.06 -16.45 -42.09
C ILE C 37 23.65 -17.89 -41.86
N THR C 38 24.05 -18.45 -40.72
CA THR C 38 23.92 -19.90 -40.53
C THR C 38 22.62 -20.29 -39.87
N GLU C 39 22.19 -19.56 -38.86
CA GLU C 39 21.00 -19.92 -38.11
C GLU C 39 20.23 -18.66 -37.72
N ILE C 40 18.91 -18.73 -37.86
CA ILE C 40 18.02 -17.65 -37.44
C ILE C 40 16.89 -18.27 -36.63
N LYS C 41 16.65 -17.72 -35.45
CA LYS C 41 15.57 -18.18 -34.58
C LYS C 41 14.60 -17.02 -34.38
N ILE C 42 13.36 -17.19 -34.83
CA ILE C 42 12.35 -16.15 -34.77
C ILE C 42 11.53 -16.33 -33.49
N PHE C 43 11.16 -15.21 -32.87
CA PHE C 43 10.42 -15.20 -31.61
C PHE C 43 9.24 -14.26 -31.74
N PHE C 44 8.02 -14.81 -31.71
CA PHE C 44 6.81 -14.00 -31.67
C PHE C 44 6.42 -13.78 -30.23
N GLU C 45 6.39 -12.51 -29.81
CA GLU C 45 6.00 -12.12 -28.45
C GLU C 45 6.79 -12.89 -27.40
N GLY C 46 8.08 -13.07 -27.67
CA GLY C 46 8.95 -13.77 -26.74
C GLY C 46 8.77 -15.27 -26.68
N THR C 47 8.11 -15.86 -27.67
CA THR C 47 7.92 -17.31 -27.75
C THR C 47 8.50 -17.80 -29.07
N LEU C 48 9.13 -18.98 -29.03
CA LEU C 48 9.83 -19.50 -30.21
C LEU C 48 8.86 -19.79 -31.34
N ALA C 49 9.17 -19.27 -32.53
CA ALA C 49 8.33 -19.44 -33.71
C ALA C 49 8.79 -20.61 -34.57
N SER C 50 10.00 -20.52 -35.12
CA SER C 50 10.59 -21.63 -35.85
C SER C 50 12.08 -21.34 -36.03
N THR C 51 12.83 -22.41 -36.27
CA THR C 51 14.28 -22.35 -36.41
C THR C 51 14.68 -22.56 -37.86
N ILE C 52 15.50 -21.67 -38.38
CA ILE C 52 16.06 -21.76 -39.73
C ILE C 52 17.54 -22.08 -39.58
N LYS C 53 17.93 -23.31 -39.93
CA LYS C 53 19.30 -23.74 -39.74
C LYS C 53 20.11 -23.90 -41.02
N VAL C 54 19.47 -23.78 -42.19
CA VAL C 54 20.16 -23.85 -43.48
C VAL C 54 20.97 -25.15 -43.61
N SER C 59 20.06 -25.31 -48.72
CA SER C 59 18.84 -24.82 -48.07
C SER C 59 18.88 -23.30 -47.89
N ALA C 60 19.98 -22.67 -48.29
CA ALA C 60 20.13 -21.23 -48.09
C ALA C 60 19.16 -20.45 -48.96
N GLU C 61 19.06 -20.82 -50.24
CA GLU C 61 18.16 -20.12 -51.14
C GLU C 61 16.70 -20.34 -50.75
N ASP C 62 16.39 -21.55 -50.25
CA ASP C 62 15.05 -21.81 -49.73
C ASP C 62 14.81 -21.05 -48.43
N ALA C 63 15.82 -20.95 -47.57
CA ALA C 63 15.68 -20.25 -46.29
C ALA C 63 15.29 -18.79 -46.47
N SER C 64 15.77 -18.15 -47.55
CA SER C 64 15.37 -16.78 -47.84
C SER C 64 13.87 -16.69 -48.05
N LYS C 65 13.30 -17.64 -48.80
CA LYS C 65 11.85 -17.64 -49.00
C LYS C 65 11.12 -18.02 -47.72
N LEU C 66 11.67 -18.99 -46.96
CA LEU C 66 11.03 -19.40 -45.72
C LEU C 66 10.93 -18.26 -44.72
N LEU C 67 11.97 -17.44 -44.62
CA LEU C 67 11.99 -16.35 -43.66
C LEU C 67 10.87 -15.36 -43.92
N PHE C 68 10.73 -14.91 -45.17
CA PHE C 68 9.70 -13.93 -45.48
C PHE C 68 8.30 -14.51 -45.33
N THR C 69 8.11 -15.76 -45.75
CA THR C 69 6.79 -16.38 -45.65
C THR C 69 6.30 -16.44 -44.20
N GLN C 70 7.22 -16.69 -43.27
CA GLN C 70 6.82 -16.87 -41.88
C GLN C 70 6.37 -15.55 -41.25
N VAL C 71 7.08 -14.46 -41.52
CA VAL C 71 6.93 -13.22 -40.76
C VAL C 71 6.26 -12.10 -41.55
N ASP C 72 5.95 -12.32 -42.83
CA ASP C 72 5.31 -11.26 -43.61
C ASP C 72 3.95 -10.88 -43.04
N ASN C 73 3.17 -11.87 -42.60
CA ASN C 73 1.83 -11.59 -42.10
C ASN C 73 1.87 -11.04 -40.67
N LYS C 74 2.72 -11.63 -39.82
CA LYS C 74 2.86 -11.14 -38.45
C LYS C 74 3.28 -9.68 -38.42
N LEU C 75 4.30 -9.32 -39.19
CA LEU C 75 4.85 -7.98 -39.12
C LEU C 75 4.00 -6.94 -39.83
N ASP C 76 3.14 -7.36 -40.77
CA ASP C 76 2.27 -6.42 -41.45
C ASP C 76 1.00 -6.15 -40.64
N ASN C 77 0.68 -7.02 -39.68
CA ASN C 77 -0.43 -6.80 -38.77
C ASN C 77 0.08 -6.74 -37.33
N LEU C 78 0.94 -5.78 -37.03
CA LEU C 78 1.48 -5.62 -35.69
C LEU C 78 0.54 -4.82 -34.81
N GLY C 79 0.45 -5.22 -33.55
CA GLY C 79 -0.33 -4.48 -32.57
C GLY C 79 0.53 -3.85 -31.50
N ASP C 80 0.00 -2.83 -30.82
CA ASP C 80 0.75 -2.15 -29.77
C ASP C 80 1.11 -3.11 -28.65
N GLY C 81 2.40 -3.39 -28.49
CA GLY C 81 2.88 -4.37 -27.55
C GLY C 81 3.24 -5.70 -28.17
N ASP C 82 3.11 -5.84 -29.48
CA ASP C 82 3.50 -7.05 -30.19
C ASP C 82 4.85 -6.83 -30.86
N TYR C 83 5.72 -7.83 -30.78
CA TYR C 83 7.10 -7.69 -31.23
C TYR C 83 7.61 -9.04 -31.74
N VAL C 84 8.56 -8.96 -32.67
CA VAL C 84 9.21 -10.12 -33.28
C VAL C 84 10.72 -10.00 -33.05
N ASP C 85 11.33 -11.07 -32.56
CA ASP C 85 12.76 -11.08 -32.26
C ASP C 85 13.48 -12.10 -33.12
N PHE C 86 14.76 -11.85 -33.36
CA PHE C 86 15.61 -12.74 -34.13
C PHE C 86 16.93 -12.95 -33.40
N LEU C 87 17.38 -14.20 -33.36
CA LEU C 87 18.74 -14.53 -32.89
C LEU C 87 19.55 -14.94 -34.11
N ILE C 88 20.19 -13.95 -34.73
CA ILE C 88 20.95 -14.16 -35.95
C ILE C 88 22.35 -14.65 -35.62
N SER C 89 22.74 -15.76 -36.23
CA SER C 89 24.08 -16.33 -36.06
C SER C 89 24.83 -16.22 -37.38
N SER C 90 26.06 -15.71 -37.31
CA SER C 90 26.86 -15.48 -38.51
C SER C 90 27.94 -16.55 -38.64
N ILE C 98 24.87 -14.60 -31.80
CA ILE C 98 25.90 -13.64 -32.20
C ILE C 98 25.28 -12.25 -32.36
N THR C 99 24.19 -12.18 -33.12
CA THR C 99 23.51 -10.91 -33.41
C THR C 99 22.05 -11.02 -32.99
N LYS C 100 21.51 -9.93 -32.48
CA LYS C 100 20.16 -9.92 -31.92
C LYS C 100 19.37 -8.73 -32.48
N LEU C 101 18.10 -8.98 -32.79
CA LEU C 101 17.23 -7.98 -33.42
C LEU C 101 15.87 -7.98 -32.76
N ARG C 102 15.26 -6.79 -32.67
CA ARG C 102 13.89 -6.64 -32.19
C ARG C 102 13.11 -5.72 -33.13
N ILE C 103 11.97 -6.20 -33.61
CA ILE C 103 11.08 -5.40 -34.45
C ILE C 103 9.80 -5.11 -33.67
N LEU C 104 9.47 -3.83 -33.55
CA LEU C 104 8.34 -3.36 -32.77
C LEU C 104 7.60 -2.26 -33.55
N ASN C 105 6.40 -1.91 -33.07
CA ASN C 105 5.48 -1.04 -33.80
C ASN C 105 5.36 0.37 -33.21
N ALA C 106 6.48 0.95 -32.79
CA ALA C 106 6.46 2.33 -32.33
C ALA C 106 6.25 3.29 -33.50
N LYS C 107 6.13 4.58 -33.16
CA LYS C 107 6.09 5.66 -34.12
C LYS C 107 7.48 6.23 -34.30
N GLU C 108 7.79 6.67 -35.52
CA GLU C 108 9.09 7.25 -35.84
C GLU C 108 8.98 8.77 -35.93
N GLU C 109 9.83 9.47 -35.19
CA GLU C 109 9.87 10.93 -35.19
C GLU C 109 11.31 11.40 -35.22
N THR C 110 11.64 12.26 -36.17
CA THR C 110 12.96 12.87 -36.25
C THR C 110 12.91 14.30 -35.72
N ILE C 111 13.90 14.66 -34.92
CA ILE C 111 14.01 15.99 -34.34
C ILE C 111 15.24 16.68 -34.93
N ASP C 112 15.00 17.67 -35.79
CA ASP C 112 16.07 18.50 -36.34
C ASP C 112 16.36 19.63 -35.35
N ILE C 113 17.58 19.64 -34.79
CA ILE C 113 17.92 20.62 -33.76
C ILE C 113 17.91 22.04 -34.32
N ASP C 114 18.10 22.21 -35.63
CA ASP C 114 18.05 23.54 -36.21
C ASP C 114 16.60 24.02 -36.25
N ALA C 115 16.42 25.33 -36.07
CA ALA C 115 15.11 25.96 -35.90
C ALA C 115 14.01 25.40 -36.81
N LYS C 119 11.21 21.57 -32.06
CA LYS C 119 10.99 21.01 -30.73
C LYS C 119 12.25 21.11 -29.88
N THR C 120 12.18 21.91 -28.82
CA THR C 120 13.31 22.06 -27.93
C THR C 120 13.34 20.91 -26.92
N ALA C 121 14.42 20.88 -26.12
CA ALA C 121 14.58 19.81 -25.15
C ALA C 121 13.63 19.93 -23.97
N GLN C 122 13.23 21.15 -23.58
CA GLN C 122 12.34 21.27 -22.43
C GLN C 122 10.92 20.90 -22.79
N ASP C 123 10.56 20.99 -24.06
CA ASP C 123 9.29 20.48 -24.54
C ASP C 123 9.33 18.98 -24.74
N LEU C 124 10.52 18.43 -25.03
CA LEU C 124 10.67 16.99 -25.19
C LEU C 124 10.59 16.28 -23.84
N ALA C 125 11.16 16.87 -22.80
CA ALA C 125 11.21 16.23 -21.50
C ALA C 125 9.87 16.29 -20.75
N LYS C 126 9.14 17.40 -20.90
CA LYS C 126 7.85 17.52 -20.24
C LYS C 126 6.81 16.59 -20.83
N LYS C 127 7.13 15.92 -21.93
CA LYS C 127 6.19 15.04 -22.62
C LYS C 127 6.56 13.57 -22.53
N TYR C 128 7.84 13.22 -22.66
CA TYR C 128 8.31 11.85 -22.57
C TYR C 128 9.23 11.65 -21.37
N VAL C 129 9.27 10.42 -20.87
CA VAL C 129 10.11 10.04 -19.74
C VAL C 129 11.27 9.22 -20.27
N PHE C 130 12.49 9.77 -20.15
CA PHE C 130 13.71 9.12 -20.59
C PHE C 130 14.42 8.45 -19.41
N ASN C 131 15.21 7.43 -19.73
CA ASN C 131 16.01 6.75 -18.72
C ASN C 131 17.25 7.59 -18.40
N LYS C 132 17.44 7.91 -17.12
CA LYS C 132 18.58 8.72 -16.72
C LYS C 132 19.90 8.03 -17.02
N THR C 133 20.00 6.73 -16.76
CA THR C 133 21.24 5.99 -17.00
C THR C 133 21.57 5.88 -18.48
N ASP C 134 20.57 5.95 -19.35
CA ASP C 134 20.82 5.97 -20.79
C ASP C 134 21.29 7.35 -21.24
N LEU C 135 20.65 8.41 -20.73
CA LEU C 135 21.06 9.77 -21.08
C LEU C 135 22.40 10.12 -20.44
N ASN C 136 22.65 9.63 -19.22
CA ASN C 136 23.93 9.88 -18.57
C ASN C 136 25.10 9.38 -19.41
N THR C 137 25.04 8.11 -19.83
CA THR C 137 26.11 7.56 -20.65
C THR C 137 26.18 8.23 -22.02
N LEU C 138 25.02 8.56 -22.59
CA LEU C 138 25.00 9.19 -23.92
C LEU C 138 25.67 10.55 -23.90
N TYR C 139 25.39 11.36 -22.87
CA TYR C 139 26.03 12.67 -22.75
C TYR C 139 27.54 12.53 -22.63
N ARG C 140 28.00 11.60 -21.78
CA ARG C 140 29.42 11.41 -21.55
C ARG C 140 30.15 11.02 -22.83
N VAL C 141 29.63 10.01 -23.55
CA VAL C 141 30.27 9.57 -24.78
C VAL C 141 30.11 10.55 -25.92
N LEU C 142 29.28 11.58 -25.75
CA LEU C 142 29.10 12.58 -26.78
C LEU C 142 30.06 13.76 -26.65
N ASN C 143 30.59 14.02 -25.45
CA ASN C 143 31.57 15.08 -25.26
C ASN C 143 32.93 14.59 -24.79
N GLY C 144 32.97 13.48 -24.05
CA GLY C 144 34.23 12.99 -23.51
C GLY C 144 34.43 11.49 -23.60
N VAL C 153 26.48 6.89 -31.52
CA VAL C 153 26.21 8.06 -32.36
C VAL C 153 26.73 7.81 -33.77
N GLU C 154 25.91 8.12 -34.76
CA GLU C 154 26.23 7.85 -36.16
C GLU C 154 26.33 9.15 -36.94
N GLU C 155 27.16 9.14 -37.98
CA GLU C 155 27.32 10.27 -38.89
C GLU C 155 26.60 9.92 -40.19
N VAL C 156 25.42 10.52 -40.39
CA VAL C 156 24.53 10.16 -41.49
C VAL C 156 24.37 11.38 -42.39
N SER C 157 25.04 11.37 -43.53
CA SER C 157 24.86 12.37 -44.60
C SER C 157 25.06 13.80 -44.07
N GLY C 158 26.28 14.08 -43.64
CA GLY C 158 26.65 15.40 -43.19
C GLY C 158 26.16 15.78 -41.81
N LYS C 159 25.27 15.00 -41.21
CA LYS C 159 24.74 15.27 -39.88
C LYS C 159 25.27 14.24 -38.89
N TYR C 160 25.04 14.52 -37.61
CA TYR C 160 25.43 13.63 -36.52
C TYR C 160 24.15 13.22 -35.79
N GLN C 161 23.59 12.08 -36.18
CA GLN C 161 22.34 11.60 -35.61
C GLN C 161 22.58 10.79 -34.36
N VAL C 162 21.61 10.84 -33.44
CA VAL C 162 21.60 10.04 -32.22
C VAL C 162 20.18 9.57 -31.97
N VAL C 163 20.01 8.28 -31.74
CA VAL C 163 18.70 7.68 -31.52
C VAL C 163 18.43 7.62 -30.02
N LEU C 164 17.18 7.87 -29.64
CA LEU C 164 16.74 7.81 -28.25
C LEU C 164 15.39 7.13 -28.16
N TYR C 165 15.23 6.31 -27.13
CA TYR C 165 14.00 5.53 -26.93
C TYR C 165 13.42 5.83 -25.57
N PRO C 166 12.41 6.69 -25.46
CA PRO C 166 11.82 6.97 -24.15
C PRO C 166 11.12 5.74 -23.59
N GLU C 167 11.07 5.67 -22.26
CA GLU C 167 10.38 4.56 -21.60
C GLU C 167 8.88 4.71 -21.70
N GLY C 168 8.38 5.93 -21.81
CA GLY C 168 6.94 6.15 -21.92
C GLY C 168 6.63 7.63 -21.98
N LYS C 169 5.34 7.92 -21.85
CA LYS C 169 4.86 9.30 -21.87
C LYS C 169 4.73 9.83 -20.45
N ARG C 170 4.96 11.13 -20.28
CA ARG C 170 4.97 11.73 -18.95
C ARG C 170 3.56 12.00 -18.45
N VAL C 171 3.35 11.75 -17.16
CA VAL C 171 2.07 12.04 -16.53
C VAL C 171 1.84 13.55 -16.52
N THR C 172 0.57 13.94 -16.49
CA THR C 172 0.22 15.36 -16.47
C THR C 172 -0.87 15.66 -15.43
N LYS D 1 27.06 -3.40 -30.81
CA LYS D 1 26.18 -3.30 -31.97
C LYS D 1 24.82 -2.73 -31.56
N ALA D 2 24.85 -1.51 -31.01
CA ALA D 2 23.68 -0.70 -30.68
C ALA D 2 23.10 -1.11 -29.33
N SER D 3 21.78 -1.09 -29.19
CA SER D 3 21.11 -1.53 -27.97
C SER D 3 19.64 -1.75 -28.29
N ILE D 4 19.09 -2.88 -27.84
CA ILE D 4 17.71 -3.22 -28.12
C ILE D 4 16.80 -2.59 -27.08
N ALA D 5 15.62 -2.16 -27.52
CA ALA D 5 14.72 -1.31 -26.77
C ALA D 5 13.52 -2.09 -26.25
N ASP D 6 12.75 -1.45 -25.38
CA ASP D 6 11.57 -2.08 -24.80
C ASP D 6 10.47 -2.24 -25.85
N GLU D 7 9.72 -3.35 -25.76
CA GLU D 7 8.66 -3.62 -26.72
C GLU D 7 7.59 -2.53 -26.72
N ASN D 8 7.40 -1.82 -25.62
CA ASN D 8 6.31 -0.84 -25.49
C ASN D 8 6.80 0.60 -25.56
N SER D 9 8.04 0.83 -25.96
CA SER D 9 8.57 2.17 -26.13
C SER D 9 7.74 2.94 -27.14
N PRO D 10 7.06 4.02 -26.75
CA PRO D 10 6.07 4.63 -27.65
C PRO D 10 6.63 5.15 -28.96
N VAL D 11 7.71 5.93 -28.92
CA VAL D 11 8.20 6.63 -30.11
C VAL D 11 9.71 6.43 -30.23
N LYS D 12 10.18 6.38 -31.47
CA LYS D 12 11.60 6.36 -31.80
C LYS D 12 12.05 7.77 -32.15
N LEU D 13 13.01 8.30 -31.39
CA LEU D 13 13.50 9.66 -31.58
C LEU D 13 14.89 9.64 -32.18
N THR D 14 15.14 10.55 -33.12
CA THR D 14 16.46 10.73 -33.73
C THR D 14 16.80 12.21 -33.71
N LEU D 15 17.96 12.53 -33.15
CA LEU D 15 18.41 13.92 -33.00
C LEU D 15 19.44 14.24 -34.08
N LYS D 16 19.05 15.07 -35.04
CA LYS D 16 19.90 15.40 -36.18
C LYS D 16 20.44 16.82 -36.02
N SER D 17 21.76 16.95 -35.99
CA SER D 17 22.42 18.25 -35.87
C SER D 17 23.65 18.30 -36.75
N ASP D 18 23.95 19.49 -37.26
CA ASP D 18 25.14 19.66 -38.11
C ASP D 18 26.43 19.48 -37.31
N LYS D 19 26.42 19.79 -36.02
CA LYS D 19 27.61 19.76 -35.19
C LYS D 19 27.35 18.94 -33.94
N LYS D 20 28.35 18.19 -33.50
CA LYS D 20 28.21 17.36 -32.30
C LYS D 20 28.03 18.21 -31.05
N LYS D 21 28.65 19.40 -31.00
CA LYS D 21 28.53 20.24 -29.82
C LYS D 21 27.10 20.72 -29.60
N ASP D 22 26.43 21.16 -30.68
CA ASP D 22 25.03 21.56 -30.55
C ASP D 22 24.16 20.38 -30.11
N LEU D 23 24.59 19.16 -30.38
CA LEU D 23 23.87 17.99 -29.89
C LEU D 23 24.09 17.78 -28.40
N LYS D 24 25.33 17.98 -27.94
CA LYS D 24 25.61 17.94 -26.50
C LYS D 24 24.78 18.97 -25.75
N ASP D 25 24.60 20.16 -26.32
CA ASP D 25 23.77 21.18 -25.69
C ASP D 25 22.31 20.77 -25.63
N TYR D 26 21.88 19.88 -26.54
CA TYR D 26 20.50 19.39 -26.56
C TYR D 26 20.32 18.17 -25.66
N VAL D 27 21.33 17.31 -25.57
CA VAL D 27 21.24 16.15 -24.68
C VAL D 27 21.35 16.59 -23.23
N ASP D 28 22.24 17.54 -22.93
CA ASP D 28 22.35 18.05 -21.56
C ASP D 28 21.06 18.74 -21.13
N ASP D 29 20.50 19.58 -21.99
CA ASP D 29 19.22 20.21 -21.69
C ASP D 29 18.14 19.15 -21.49
N LEU D 30 18.15 18.10 -22.32
CA LEU D 30 17.18 17.03 -22.16
C LEU D 30 17.44 16.27 -20.86
N ARG D 31 18.70 15.97 -20.56
CA ARG D 31 19.03 15.26 -19.33
C ARG D 31 18.63 16.08 -18.10
N THR D 32 18.79 17.40 -18.16
CA THR D 32 18.46 18.25 -17.03
C THR D 32 16.95 18.36 -16.82
N TYR D 33 16.21 18.65 -17.89
CA TYR D 33 14.76 18.79 -17.76
C TYR D 33 14.09 17.46 -17.45
N ASN D 34 14.54 16.38 -18.10
CA ASN D 34 13.95 15.06 -17.81
C ASN D 34 14.12 14.70 -16.35
N ASN D 35 15.31 14.93 -15.80
CA ASN D 35 15.54 14.70 -14.39
C ASN D 35 15.11 15.88 -13.54
N GLY D 36 14.51 16.90 -14.17
CA GLY D 36 14.01 18.06 -13.45
C GLY D 36 12.50 18.13 -13.49
N TYR D 37 11.89 17.20 -14.22
CA TYR D 37 10.43 17.05 -14.23
C TYR D 37 9.96 15.85 -13.42
N SER D 38 10.79 14.82 -13.27
CA SER D 38 10.43 13.65 -12.49
C SER D 38 10.98 13.68 -11.07
N ASN D 39 12.13 14.32 -10.86
CA ASN D 39 12.71 14.40 -9.53
C ASN D 39 12.20 15.58 -8.71
N ALA D 40 11.84 16.68 -9.37
CA ALA D 40 11.21 17.81 -8.67
C ALA D 40 9.73 17.49 -8.48
N ILE D 41 9.30 17.40 -7.22
CA ILE D 41 7.94 16.97 -6.90
C ILE D 41 7.21 18.02 -6.08
N GLU D 42 5.93 17.79 -5.81
CA GLU D 42 5.10 18.69 -5.02
C GLU D 42 4.16 17.90 -4.14
N VAL D 43 4.19 18.17 -2.83
CA VAL D 43 3.28 17.56 -1.87
C VAL D 43 2.55 18.69 -1.17
N ALA D 44 1.25 18.82 -1.42
CA ALA D 44 0.49 19.94 -0.88
C ALA D 44 -0.99 19.61 -0.88
N GLY D 45 -1.75 20.44 -0.18
CA GLY D 45 -3.20 20.34 -0.16
C GLY D 45 -3.80 21.70 0.13
N GLU D 46 -5.13 21.77 0.05
CA GLU D 46 -5.81 23.04 0.26
C GLU D 46 -5.67 23.52 1.71
N ASP D 47 -5.78 22.60 2.66
CA ASP D 47 -5.65 22.92 4.08
C ASP D 47 -4.33 22.36 4.60
N ARG D 48 -3.88 22.92 5.73
CA ARG D 48 -2.65 22.46 6.36
C ARG D 48 -2.78 21.04 6.88
N ILE D 49 -4.01 20.57 7.12
CA ILE D 49 -4.22 19.21 7.59
C ILE D 49 -3.92 18.21 6.49
N GLU D 50 -4.55 18.39 5.32
CA GLU D 50 -4.35 17.48 4.21
C GLU D 50 -2.92 17.52 3.68
N THR D 51 -2.24 18.67 3.83
CA THR D 51 -0.84 18.76 3.44
C THR D 51 0.02 17.80 4.25
N ALA D 52 -0.15 17.80 5.58
CA ALA D 52 0.60 16.87 6.42
C ALA D 52 0.19 15.42 6.18
N ILE D 53 -1.08 15.18 5.84
CA ILE D 53 -1.52 13.82 5.52
C ILE D 53 -0.89 13.33 4.22
N ALA D 54 -0.94 14.15 3.18
CA ALA D 54 -0.32 13.77 1.92
C ALA D 54 1.19 13.59 2.09
N LEU D 55 1.79 14.41 2.95
CA LEU D 55 3.21 14.24 3.27
C LEU D 55 3.47 12.95 4.02
N SER D 56 2.47 12.45 4.76
CA SER D 56 2.63 11.20 5.49
C SER D 56 2.42 9.99 4.59
N GLN D 57 1.32 9.96 3.83
CA GLN D 57 1.02 8.80 3.01
C GLN D 57 2.05 8.58 1.91
N LYS D 58 2.76 9.63 1.49
CA LYS D 58 3.74 9.48 0.42
C LYS D 58 5.07 8.94 0.94
N TYR D 59 5.49 9.38 2.14
CA TYR D 59 6.81 9.05 2.66
C TYR D 59 6.80 8.00 3.78
N TYR D 60 5.65 7.71 4.37
CA TYR D 60 5.52 6.74 5.45
C TYR D 60 4.54 5.64 5.05
N ASN D 61 4.99 4.40 5.16
CA ASN D 61 4.18 3.21 4.83
C ASN D 61 3.73 3.22 3.38
N SER D 62 4.55 3.77 2.49
CA SER D 62 4.25 3.86 1.07
C SER D 62 5.17 2.96 0.28
N ASP D 63 4.64 2.35 -0.77
CA ASP D 63 5.42 1.51 -1.66
C ASP D 63 6.25 2.32 -2.65
N ASP D 64 6.10 3.64 -2.65
CA ASP D 64 6.80 4.47 -3.61
C ASP D 64 8.28 4.57 -3.25
N GLU D 65 9.07 5.05 -4.21
CA GLU D 65 10.48 5.32 -3.97
C GLU D 65 10.65 6.62 -3.18
N ASN D 66 11.87 6.85 -2.71
CA ASN D 66 12.25 8.05 -1.96
C ASN D 66 11.30 8.31 -0.80
N ALA D 67 11.05 7.27 -0.02
CA ALA D 67 10.24 7.34 1.19
C ALA D 67 11.11 7.05 2.41
N ILE D 68 10.55 7.30 3.59
CA ILE D 68 11.27 7.03 4.83
C ILE D 68 11.08 5.59 5.27
N PHE D 69 9.84 5.11 5.26
CA PHE D 69 9.50 3.75 5.64
C PHE D 69 8.58 3.13 4.60
N ARG D 70 8.83 1.86 4.26
CA ARG D 70 8.03 1.14 3.28
C ARG D 70 7.10 0.13 3.93
N ASP D 71 7.00 0.11 5.25
CA ASP D 71 6.16 -0.84 5.96
C ASP D 71 5.44 -0.10 7.08
N SER D 72 4.80 -0.87 7.96
CA SER D 72 4.00 -0.30 9.04
C SER D 72 4.86 0.48 10.01
N VAL D 73 4.25 1.48 10.66
CA VAL D 73 4.90 2.26 11.70
C VAL D 73 4.26 1.89 13.04
N ASP D 74 5.02 2.12 14.11
CA ASP D 74 4.55 1.80 15.46
C ASP D 74 4.26 3.03 16.31
N ASN D 75 4.65 4.22 15.87
CA ASN D 75 4.40 5.44 16.62
C ASN D 75 3.91 6.53 15.67
N VAL D 76 3.13 7.46 16.21
CA VAL D 76 2.68 8.63 15.46
C VAL D 76 2.72 9.85 16.38
N VAL D 77 3.31 10.94 15.89
CA VAL D 77 3.39 12.19 16.63
C VAL D 77 2.30 13.13 16.12
N LEU D 78 1.39 13.52 17.00
CA LEU D 78 0.24 14.35 16.66
C LEU D 78 0.42 15.74 17.25
N VAL D 79 0.18 16.76 16.41
CA VAL D 79 0.32 18.17 16.80
C VAL D 79 -0.90 18.92 16.29
N GLY D 80 -1.31 19.95 17.04
CA GLY D 80 -2.46 20.75 16.67
C GLY D 80 -2.22 21.56 15.40
N GLY D 81 -3.33 22.07 14.85
CA GLY D 81 -3.23 22.87 13.64
C GLY D 81 -2.55 24.20 13.88
N ASN D 82 -3.05 24.98 14.83
CA ASN D 82 -2.44 26.25 15.21
C ASN D 82 -1.52 26.09 16.42
N ALA D 83 -0.78 24.99 16.48
CA ALA D 83 0.06 24.65 17.62
C ALA D 83 1.54 24.79 17.29
N ILE D 84 1.89 25.83 16.54
CA ILE D 84 3.29 26.08 16.22
C ILE D 84 4.06 26.49 17.48
N VAL D 85 3.36 27.06 18.46
CA VAL D 85 4.00 27.52 19.69
C VAL D 85 4.53 26.35 20.51
N ASP D 86 3.77 25.25 20.61
CA ASP D 86 4.13 24.14 21.47
C ASP D 86 4.43 22.86 20.72
N GLY D 87 4.61 22.93 19.41
CA GLY D 87 4.84 21.73 18.61
C GLY D 87 6.06 21.85 17.74
N LEU D 88 6.69 23.04 17.73
CA LEU D 88 7.86 23.27 16.91
C LEU D 88 8.98 22.28 17.21
N VAL D 89 9.18 21.93 18.48
CA VAL D 89 10.30 21.04 18.84
C VAL D 89 9.98 19.57 18.65
N ALA D 90 8.79 19.22 18.18
CA ALA D 90 8.40 17.83 18.00
C ALA D 90 9.03 17.17 16.78
N SER D 91 9.75 17.92 15.95
CA SER D 91 10.35 17.31 14.75
C SER D 91 11.45 16.31 15.09
N PRO D 92 12.42 16.63 15.95
CA PRO D 92 13.36 15.57 16.37
C PRO D 92 12.67 14.44 17.12
N LEU D 93 11.56 14.72 17.81
CA LEU D 93 10.81 13.68 18.49
C LEU D 93 10.27 12.65 17.50
N ALA D 94 9.55 13.12 16.48
CA ALA D 94 9.03 12.22 15.45
C ALA D 94 10.16 11.48 14.75
N SER D 95 11.33 12.09 14.66
CA SER D 95 12.45 11.47 13.97
C SER D 95 13.03 10.32 14.78
N GLU D 96 13.45 10.59 16.02
CA GLU D 96 13.99 9.53 16.88
C GLU D 96 12.94 8.47 17.16
N LYS D 97 11.69 8.86 17.37
CA LYS D 97 10.63 7.89 17.59
C LYS D 97 10.23 7.17 16.31
N LYS D 98 10.79 7.56 15.16
CA LYS D 98 10.49 6.95 13.86
C LYS D 98 8.98 6.95 13.61
N ALA D 99 8.42 8.15 13.57
CA ALA D 99 6.98 8.35 13.50
C ALA D 99 6.66 9.44 12.49
N PRO D 100 5.53 9.34 11.81
CA PRO D 100 5.06 10.47 10.98
C PRO D 100 4.39 11.51 11.85
N LEU D 101 4.70 12.78 11.58
CA LEU D 101 4.13 13.87 12.35
C LEU D 101 2.89 14.38 11.62
N LEU D 102 1.73 14.28 12.28
CA LEU D 102 0.45 14.60 11.67
C LEU D 102 -0.21 15.76 12.39
N LEU D 103 -0.95 16.56 11.63
CA LEU D 103 -1.63 17.75 12.15
C LEU D 103 -3.11 17.47 12.33
N THR D 104 -3.63 17.72 13.52
CA THR D 104 -5.04 17.52 13.84
C THR D 104 -5.68 18.84 14.27
N SER D 105 -7.01 18.86 14.25
CA SER D 105 -7.74 20.03 14.71
C SER D 105 -7.76 20.06 16.25
N LYS D 106 -8.09 21.24 16.78
CA LYS D 106 -7.96 21.46 18.22
C LYS D 106 -9.02 20.67 18.99
N ASP D 107 -10.28 20.79 18.59
CA ASP D 107 -11.39 20.20 19.35
C ASP D 107 -11.87 18.88 18.77
N LYS D 108 -11.83 18.71 17.46
CA LYS D 108 -12.35 17.52 16.80
C LYS D 108 -11.21 16.75 16.16
N LEU D 109 -11.14 15.46 16.43
CA LEU D 109 -10.20 14.57 15.74
C LEU D 109 -10.72 14.34 14.33
N ASP D 110 -10.06 14.92 13.35
CA ASP D 110 -10.53 14.85 11.97
C ASP D 110 -10.61 13.41 11.49
N SER D 111 -11.65 13.12 10.71
CA SER D 111 -11.76 11.79 10.12
C SER D 111 -10.61 11.51 9.17
N SER D 112 -10.15 12.54 8.44
CA SER D 112 -8.97 12.39 7.60
C SER D 112 -7.77 11.92 8.42
N VAL D 113 -7.57 12.51 9.60
CA VAL D 113 -6.42 12.17 10.42
C VAL D 113 -6.56 10.78 11.02
N LYS D 114 -7.72 10.50 11.64
CA LYS D 114 -7.93 9.20 12.26
C LYS D 114 -7.77 8.07 11.25
N ALA D 115 -8.19 8.30 10.00
CA ALA D 115 -7.97 7.31 8.95
C ALA D 115 -6.48 7.14 8.65
N GLU D 116 -5.74 8.25 8.62
CA GLU D 116 -4.31 8.18 8.35
C GLU D 116 -3.56 7.51 9.50
N ILE D 117 -4.01 7.72 10.74
CA ILE D 117 -3.41 7.04 11.88
C ILE D 117 -3.53 5.54 11.70
N LYS D 118 -4.75 5.07 11.41
CA LYS D 118 -5.00 3.63 11.24
C LYS D 118 -4.29 3.09 10.01
N ARG D 119 -4.26 3.87 8.94
CA ARG D 119 -3.60 3.44 7.71
C ARG D 119 -2.11 3.26 7.91
N VAL D 120 -1.44 4.28 8.45
CA VAL D 120 0.02 4.22 8.51
C VAL D 120 0.49 3.17 9.51
N MET D 121 -0.31 2.89 10.53
CA MET D 121 0.03 1.88 11.52
C MET D 121 -0.47 0.49 11.14
N ASN D 122 -1.02 0.32 9.94
CA ASN D 122 -1.60 -0.95 9.49
C ASN D 122 -2.71 -1.42 10.42
N ILE D 123 -3.53 -0.48 10.86
CA ILE D 123 -4.70 -0.78 11.71
C ILE D 123 -5.90 -0.99 10.81
N LYS D 124 -6.58 -2.12 10.98
CA LYS D 124 -7.69 -2.50 10.12
C LYS D 124 -8.82 -3.08 10.94
N SER D 125 -9.99 -3.17 10.32
CA SER D 125 -11.19 -3.65 11.01
C SER D 125 -11.04 -5.07 11.52
N THR D 126 -10.10 -5.84 11.00
CA THR D 126 -9.87 -7.21 11.44
C THR D 126 -8.78 -7.32 12.50
N THR D 127 -8.15 -6.20 12.87
CA THR D 127 -7.08 -6.20 13.86
C THR D 127 -7.49 -5.35 15.05
N GLY D 128 -7.28 -5.88 16.25
CA GLY D 128 -7.62 -5.14 17.47
C GLY D 128 -6.56 -4.12 17.85
N ILE D 129 -7.03 -2.97 18.33
CA ILE D 129 -6.14 -1.89 18.74
C ILE D 129 -5.73 -2.10 20.19
N ASN D 130 -4.44 -2.29 20.42
CA ASN D 130 -3.88 -2.47 21.75
C ASN D 130 -2.87 -1.35 22.02
N THR D 131 -2.18 -1.45 23.17
CA THR D 131 -1.18 -0.46 23.54
C THR D 131 0.18 -0.69 22.89
N SER D 132 0.23 -1.50 21.82
CA SER D 132 1.46 -1.68 21.05
C SER D 132 1.73 -0.51 20.12
N LYS D 133 0.75 0.36 19.92
CA LYS D 133 0.89 1.54 19.07
C LYS D 133 0.67 2.78 19.93
N LYS D 134 1.62 3.72 19.87
CA LYS D 134 1.57 4.93 20.67
C LYS D 134 1.30 6.15 19.79
N VAL D 135 0.59 7.12 20.36
CA VAL D 135 0.32 8.40 19.70
C VAL D 135 0.79 9.51 20.63
N TYR D 136 1.91 10.14 20.28
CA TYR D 136 2.49 11.20 21.10
C TYR D 136 1.80 12.53 20.81
N LEU D 137 1.11 13.08 21.82
CA LEU D 137 0.45 14.37 21.69
C LEU D 137 1.38 15.46 22.21
N ALA D 138 1.89 16.29 21.30
CA ALA D 138 2.82 17.37 21.65
C ALA D 138 2.03 18.67 21.77
N GLY D 139 1.92 19.17 23.00
CA GLY D 139 1.27 20.43 23.27
C GLY D 139 0.28 20.33 24.42
N GLY D 140 -0.21 21.49 24.84
CA GLY D 140 -1.16 21.59 25.92
C GLY D 140 -2.57 21.33 25.47
N VAL D 141 -3.52 21.87 26.22
CA VAL D 141 -4.94 21.69 25.90
C VAL D 141 -5.42 22.66 24.85
N ASN D 142 -4.65 23.70 24.52
CA ASN D 142 -4.96 24.56 23.39
C ASN D 142 -4.31 24.06 22.11
N SER D 143 -3.47 23.03 22.20
CA SER D 143 -2.93 22.35 21.02
C SER D 143 -3.78 21.14 20.64
N ILE D 144 -4.02 20.25 21.61
CA ILE D 144 -4.83 19.05 21.41
C ILE D 144 -5.72 18.91 22.65
N SER D 145 -7.02 19.10 22.47
CA SER D 145 -7.94 19.14 23.61
C SER D 145 -8.09 17.75 24.23
N LYS D 146 -8.74 17.73 25.40
CA LYS D 146 -9.06 16.47 26.05
C LYS D 146 -10.06 15.65 25.24
N GLU D 147 -10.87 16.32 24.41
CA GLU D 147 -11.81 15.60 23.55
C GLU D 147 -11.07 14.70 22.57
N VAL D 148 -9.96 15.19 22.02
CA VAL D 148 -9.16 14.40 21.08
C VAL D 148 -8.35 13.35 21.82
N GLU D 149 -7.81 13.71 22.99
CA GLU D 149 -7.06 12.75 23.80
C GLU D 149 -7.92 11.56 24.19
N ASN D 150 -9.15 11.81 24.65
CA ASN D 150 -10.02 10.72 25.07
C ASN D 150 -10.50 9.87 23.91
N GLU D 151 -10.64 10.46 22.72
CA GLU D 151 -10.98 9.67 21.54
C GLU D 151 -9.88 8.67 21.21
N LEU D 152 -8.64 9.14 21.13
CA LEU D 152 -7.52 8.26 20.82
C LEU D 152 -7.37 7.16 21.85
N LYS D 153 -7.66 7.45 23.13
CA LYS D 153 -7.61 6.42 24.15
C LYS D 153 -8.76 5.42 24.04
N ASP D 154 -9.94 5.90 23.64
CA ASP D 154 -11.11 5.02 23.54
C ASP D 154 -10.87 3.91 22.52
N MET D 155 -10.15 4.20 21.45
CA MET D 155 -9.80 3.18 20.48
C MET D 155 -8.87 2.12 21.07
N GLY D 156 -8.13 2.45 22.13
CA GLY D 156 -7.21 1.54 22.77
C GLY D 156 -5.75 1.92 22.65
N LEU D 157 -5.44 2.97 21.90
CA LEU D 157 -4.06 3.39 21.70
C LEU D 157 -3.46 3.90 23.01
N LYS D 158 -2.15 3.69 23.15
CA LYS D 158 -1.40 4.27 24.27
C LYS D 158 -1.08 5.72 23.91
N VAL D 159 -1.68 6.64 24.65
CA VAL D 159 -1.55 8.08 24.38
C VAL D 159 -0.59 8.67 25.39
N THR D 160 0.51 9.24 24.89
CA THR D 160 1.50 9.93 25.72
C THR D 160 1.42 11.43 25.40
N ARG D 161 1.06 12.23 26.39
CA ARG D 161 0.98 13.67 26.24
C ARG D 161 2.26 14.32 26.75
N LEU D 162 2.88 15.15 25.92
CA LEU D 162 4.07 15.92 26.27
C LEU D 162 3.66 17.40 26.38
N ALA D 163 3.28 17.82 27.59
CA ALA D 163 2.77 19.16 27.81
C ALA D 163 3.28 19.70 29.13
N GLY D 164 3.23 21.03 29.26
CA GLY D 164 3.60 21.70 30.48
C GLY D 164 2.73 22.91 30.75
N ASP D 165 3.07 23.70 31.76
CA ASP D 165 2.29 24.89 32.09
C ASP D 165 2.57 26.06 31.14
N ASP D 166 3.72 26.05 30.46
CA ASP D 166 4.05 27.11 29.51
C ASP D 166 4.68 26.51 28.27
N ARG D 167 4.75 27.32 27.21
CA ARG D 167 5.40 26.90 25.97
C ARG D 167 6.86 26.50 26.21
N TYR D 168 7.54 27.20 27.12
CA TYR D 168 8.92 26.87 27.43
C TYR D 168 9.02 25.54 28.18
N GLU D 169 8.06 25.28 29.08
CA GLU D 169 8.04 24.02 29.81
C GLU D 169 7.65 22.86 28.89
N THR D 170 6.75 23.12 27.94
CA THR D 170 6.35 22.09 26.98
C THR D 170 7.55 21.60 26.17
N SER D 171 8.39 22.52 25.68
CA SER D 171 9.55 22.13 24.89
C SER D 171 10.53 21.32 25.73
N LEU D 172 10.67 21.67 27.01
CA LEU D 172 11.54 20.88 27.90
C LEU D 172 10.99 19.47 28.07
N LYS D 173 9.67 19.33 28.21
CA LYS D 173 9.07 18.00 28.31
C LYS D 173 9.28 17.20 27.02
N ILE D 174 9.28 17.87 25.88
CA ILE D 174 9.53 17.21 24.60
C ILE D 174 11.00 16.87 24.45
N ALA D 175 11.88 17.84 24.74
CA ALA D 175 13.32 17.62 24.62
C ALA D 175 13.83 16.60 25.63
N ASP D 176 13.08 16.33 26.70
CA ASP D 176 13.45 15.26 27.62
C ASP D 176 13.15 13.89 27.02
N GLU D 177 12.12 13.79 26.18
CA GLU D 177 11.85 12.52 25.50
C GLU D 177 12.86 12.25 24.41
N VAL D 178 13.46 13.30 23.84
CA VAL D 178 14.50 13.15 22.82
C VAL D 178 15.83 12.99 23.53
N GLY D 179 16.48 11.85 23.30
CA GLY D 179 17.74 11.54 23.98
C GLY D 179 18.87 12.52 23.71
N LEU D 180 19.24 13.28 24.74
CA LEU D 180 20.39 14.19 24.66
C LEU D 180 21.66 13.38 24.91
N ASP D 181 22.17 12.79 23.84
CA ASP D 181 23.42 12.03 23.91
C ASP D 181 24.62 12.92 23.56
N LYS D 184 24.99 17.56 22.67
CA LYS D 184 24.70 18.77 21.92
C LYS D 184 23.22 19.14 22.05
N ALA D 185 22.89 20.41 21.76
CA ALA D 185 21.51 20.87 21.87
C ALA D 185 21.34 22.10 20.98
N PHE D 186 20.09 22.54 20.84
CA PHE D 186 19.76 23.75 20.11
C PHE D 186 18.82 24.60 20.95
N VAL D 187 18.96 25.92 20.84
CA VAL D 187 18.18 26.86 21.62
C VAL D 187 17.57 27.90 20.69
N VAL D 188 16.27 28.16 20.87
CA VAL D 188 15.54 29.18 20.12
C VAL D 188 14.79 30.04 21.12
N GLY D 189 14.39 31.23 20.66
CA GLY D 189 13.82 32.21 21.56
C GLY D 189 12.32 32.19 21.72
N GLY D 190 11.61 31.76 20.68
CA GLY D 190 10.17 31.85 20.66
C GLY D 190 9.63 33.18 20.17
N THR D 191 10.44 34.23 20.19
CA THR D 191 10.07 35.46 19.50
C THR D 191 10.13 35.25 18.00
N GLY D 192 11.16 34.57 17.51
CA GLY D 192 11.24 34.22 16.12
C GLY D 192 11.12 32.72 15.91
N LEU D 193 9.92 32.25 15.53
CA LEU D 193 9.73 30.84 15.25
C LEU D 193 10.25 30.44 13.89
N ALA D 194 10.37 31.40 12.96
CA ALA D 194 10.95 31.10 11.66
C ALA D 194 12.41 30.69 11.80
N ASP D 195 13.14 31.34 12.70
CA ASP D 195 14.52 30.96 12.96
C ASP D 195 14.62 29.53 13.47
N ALA D 196 13.63 29.08 14.26
CA ALA D 196 13.65 27.72 14.80
C ALA D 196 13.32 26.68 13.74
N MET D 197 12.45 27.01 12.79
CA MET D 197 12.12 26.04 11.73
C MET D 197 13.30 25.77 10.81
N SER D 198 14.20 26.75 10.65
CA SER D 198 15.37 26.55 9.81
C SER D 198 16.30 25.48 10.39
N ILE D 199 16.25 25.26 11.71
CA ILE D 199 17.14 24.28 12.35
C ILE D 199 16.44 22.95 12.59
N ALA D 200 15.13 22.87 12.36
CA ALA D 200 14.43 21.60 12.59
C ALA D 200 14.97 20.45 11.74
N PRO D 201 15.27 20.62 10.44
CA PRO D 201 15.87 19.49 9.70
C PRO D 201 17.21 19.06 10.25
N VAL D 202 18.01 19.99 10.78
CA VAL D 202 19.31 19.61 11.32
C VAL D 202 19.16 18.86 12.63
N ALA D 203 18.26 19.33 13.50
CA ALA D 203 18.06 18.69 14.79
C ALA D 203 17.40 17.32 14.68
N SER D 204 16.66 17.07 13.60
CA SER D 204 15.94 15.82 13.45
C SER D 204 16.78 14.70 12.85
N GLN D 205 18.05 14.96 12.53
CA GLN D 205 18.92 13.94 11.98
C GLN D 205 19.36 12.96 13.06
N LEU D 206 19.24 11.66 12.76
CA LEU D 206 19.76 10.62 13.64
C LEU D 206 21.26 10.49 13.40
N ARG D 207 22.04 11.12 14.27
CA ARG D 207 23.47 11.25 14.11
C ARG D 207 24.23 10.38 15.11
N ASN D 208 25.49 10.13 14.79
CA ASN D 208 26.38 9.37 15.65
C ASN D 208 27.08 10.32 16.61
N ALA D 209 27.93 9.77 17.47
CA ALA D 209 28.67 10.60 18.42
C ALA D 209 29.67 11.51 17.70
N ASN D 210 30.27 11.02 16.62
CA ASN D 210 31.31 11.74 15.90
C ASN D 210 30.77 12.82 14.96
N GLY D 211 29.45 12.94 14.81
CA GLY D 211 28.86 13.87 13.88
C GLY D 211 28.40 13.25 12.58
N LYS D 212 28.80 12.01 12.29
CA LYS D 212 28.28 11.29 11.14
C LYS D 212 26.86 10.80 11.46
N MET D 213 26.26 10.08 10.53
CA MET D 213 24.86 9.68 10.64
C MET D 213 24.73 8.18 10.87
N ASP D 214 23.84 7.82 11.81
CA ASP D 214 23.55 6.43 12.12
C ASP D 214 22.04 6.31 12.29
N LEU D 215 21.37 5.69 11.32
CA LEU D 215 19.92 5.52 11.33
C LEU D 215 19.45 4.40 12.24
N ALA D 216 20.35 3.61 12.81
CA ALA D 216 19.94 2.54 13.70
C ALA D 216 20.19 2.87 15.17
N ASP D 217 21.47 2.94 15.57
CA ASP D 217 21.84 3.19 16.96
C ASP D 217 22.21 4.65 17.21
N GLY D 218 21.79 5.57 16.34
CA GLY D 218 22.03 6.98 16.55
C GLY D 218 20.82 7.69 17.15
N ASP D 219 21.06 8.92 17.61
CA ASP D 219 20.03 9.76 18.20
C ASP D 219 19.98 11.10 17.48
N ALA D 220 18.84 11.79 17.65
CA ALA D 220 18.64 13.15 17.19
C ALA D 220 18.88 14.14 18.32
N THR D 221 19.18 15.39 17.93
CA THR D 221 19.53 16.44 18.88
C THR D 221 18.30 17.26 19.23
N PRO D 222 17.97 17.41 20.52
CA PRO D 222 16.74 18.10 20.90
C PRO D 222 16.85 19.62 20.78
N ILE D 223 15.69 20.26 20.75
CA ILE D 223 15.57 21.71 20.72
C ILE D 223 14.83 22.17 21.97
N VAL D 224 15.22 23.35 22.49
CA VAL D 224 14.56 23.97 23.62
C VAL D 224 14.28 25.44 23.30
N VAL D 225 13.16 25.94 23.81
CA VAL D 225 12.79 27.34 23.67
C VAL D 225 12.87 28.01 25.03
N VAL D 226 13.61 29.13 25.09
CA VAL D 226 13.77 29.91 26.30
C VAL D 226 13.40 31.35 26.00
N ASP D 227 13.13 32.12 27.06
CA ASP D 227 12.74 33.51 26.89
C ASP D 227 13.97 34.39 26.73
N GLY D 228 13.90 35.32 25.78
CA GLY D 228 14.97 36.28 25.57
C GLY D 228 14.44 37.70 25.46
N LYS D 229 13.13 37.83 25.26
CA LYS D 229 12.48 39.13 25.06
C LYS D 229 13.12 39.89 23.90
N THR D 232 17.65 35.65 31.69
CA THR D 232 18.63 34.65 32.10
C THR D 232 18.10 33.23 31.89
N ILE D 233 18.87 32.24 32.33
CA ILE D 233 18.50 30.84 32.23
C ILE D 233 17.74 30.43 33.48
N ASN D 234 16.62 29.74 33.28
CA ASN D 234 15.81 29.31 34.42
C ASN D 234 16.46 28.11 35.11
N ASP D 235 15.83 27.68 36.21
CA ASP D 235 16.41 26.63 37.04
C ASP D 235 16.36 25.26 36.37
N ASP D 236 15.37 25.03 35.51
CA ASP D 236 15.14 23.71 34.94
C ASP D 236 15.95 23.48 33.67
N VAL D 237 15.91 24.43 32.73
CA VAL D 237 16.67 24.29 31.48
C VAL D 237 18.17 24.21 31.78
N LYS D 238 18.63 24.95 32.79
CA LYS D 238 20.04 24.87 33.18
C LYS D 238 20.40 23.48 33.68
N ASP D 239 19.48 22.85 34.42
CA ASP D 239 19.70 21.48 34.87
C ASP D 239 19.70 20.50 33.70
N PHE D 240 18.87 20.77 32.68
CA PHE D 240 18.77 19.90 31.52
C PHE D 240 20.06 19.88 30.70
N LEU D 241 20.75 21.01 30.59
CA LEU D 241 21.97 21.10 29.79
C LEU D 241 23.15 20.72 30.67
N ASP D 242 23.53 19.44 30.61
CA ASP D 242 24.65 18.90 31.39
C ASP D 242 25.84 18.78 30.45
N ASP D 243 26.74 19.78 30.49
CA ASP D 243 27.96 19.79 29.69
C ASP D 243 27.66 19.69 28.19
N SER D 244 26.51 20.22 27.76
CA SER D 244 26.07 20.11 26.37
C SER D 244 26.61 21.27 25.55
N GLN D 245 26.93 20.98 24.29
CA GLN D 245 27.35 22.01 23.33
C GLN D 245 26.12 22.66 22.72
N VAL D 246 25.73 23.80 23.25
CA VAL D 246 24.54 24.53 22.77
C VAL D 246 24.89 25.26 21.47
N ASP D 247 24.01 25.13 20.48
CA ASP D 247 24.09 25.89 19.22
C ASP D 247 22.91 26.85 19.18
N ILE D 248 23.12 28.07 19.69
CA ILE D 248 22.04 29.05 19.77
C ILE D 248 21.64 29.52 18.39
N ILE D 249 20.32 29.65 18.17
CA ILE D 249 19.76 30.07 16.89
C ILE D 249 18.94 31.33 17.12
N GLY D 250 19.17 32.34 16.29
CA GLY D 250 18.42 33.57 16.33
C GLY D 250 19.28 34.76 16.75
N GLY D 251 18.77 35.95 16.45
CA GLY D 251 19.47 37.18 16.74
C GLY D 251 19.36 37.58 18.21
N GLU D 252 19.81 38.81 18.48
CA GLU D 252 19.71 39.35 19.82
C GLU D 252 18.25 39.61 20.21
N ASN D 253 17.40 39.93 19.24
CA ASN D 253 15.99 40.15 19.53
C ASN D 253 15.27 38.86 19.90
N SER D 254 15.79 37.71 19.46
CA SER D 254 15.20 36.42 19.84
C SER D 254 15.68 35.98 21.20
N VAL D 255 16.99 35.81 21.36
CA VAL D 255 17.61 35.47 22.64
C VAL D 255 18.69 36.51 22.92
N SER D 256 18.60 37.14 24.09
CA SER D 256 19.50 38.22 24.45
C SER D 256 20.91 37.70 24.73
N LYS D 257 21.87 38.63 24.72
CA LYS D 257 23.24 38.28 25.11
C LYS D 257 23.30 37.85 26.57
N ASP D 258 22.34 38.32 27.38
CA ASP D 258 22.23 37.82 28.75
C ASP D 258 21.97 36.32 28.77
N VAL D 259 21.07 35.85 27.91
CA VAL D 259 20.75 34.43 27.86
C VAL D 259 21.94 33.62 27.36
N GLU D 260 22.72 34.19 26.44
CA GLU D 260 23.93 33.52 25.98
C GLU D 260 24.97 33.45 27.09
N ASN D 261 25.17 34.55 27.82
CA ASN D 261 26.10 34.53 28.94
C ASN D 261 25.65 33.58 30.04
N ALA D 262 24.35 33.48 30.27
CA ALA D 262 23.83 32.56 31.27
C ALA D 262 24.10 31.11 30.87
N ILE D 263 23.97 30.80 29.57
CA ILE D 263 24.32 29.47 29.09
C ILE D 263 25.82 29.24 29.21
N ASP D 264 26.62 30.28 28.98
CA ASP D 264 28.06 30.18 29.19
C ASP D 264 28.38 29.74 30.62
N ASP D 265 27.75 30.38 31.61
CA ASP D 265 28.00 30.00 33.00
C ASP D 265 27.34 28.68 33.35
N ALA D 266 26.24 28.33 32.66
CA ALA D 266 25.50 27.12 33.01
C ALA D 266 26.26 25.86 32.59
N THR D 267 26.43 25.66 31.29
CA THR D 267 27.00 24.42 30.77
C THR D 267 28.52 24.44 30.69
N GLY D 268 29.15 25.61 30.82
CA GLY D 268 30.59 25.68 30.76
C GLY D 268 31.19 25.53 29.39
N LYS D 269 30.38 25.61 28.33
CA LYS D 269 30.85 25.52 26.96
C LYS D 269 30.44 26.76 26.19
N SER D 270 31.20 27.08 25.15
CA SER D 270 30.91 28.24 24.32
C SER D 270 29.76 27.94 23.37
N PRO D 271 28.67 28.71 23.41
CA PRO D 271 27.55 28.48 22.49
C PRO D 271 27.80 29.12 21.13
N ASP D 272 27.74 28.31 20.08
CA ASP D 272 27.78 28.83 18.72
C ASP D 272 26.51 29.60 18.39
N ARG D 273 26.63 30.66 17.60
CA ARG D 273 25.52 31.55 17.33
C ARG D 273 25.34 31.71 15.82
N TYR D 274 24.13 31.41 15.34
CA TYR D 274 23.75 31.56 13.94
C TYR D 274 22.60 32.54 13.87
N SER D 275 22.83 33.72 13.27
CA SER D 275 21.81 34.74 13.25
C SER D 275 22.03 35.67 12.06
N GLY D 276 20.94 36.30 11.63
CA GLY D 276 20.98 37.30 10.58
C GLY D 276 19.92 38.34 10.85
N ASP D 277 19.98 39.43 10.07
CA ASP D 277 19.01 40.52 10.22
C ASP D 277 17.61 40.10 9.83
N ASP D 278 17.47 39.10 8.96
CA ASP D 278 16.19 38.63 8.47
C ASP D 278 16.02 37.15 8.76
N ARG D 279 14.76 36.71 8.82
CA ARG D 279 14.48 35.30 9.02
C ARG D 279 14.99 34.44 7.88
N GLN D 280 15.14 35.00 6.68
CA GLN D 280 15.72 34.27 5.57
C GLN D 280 17.24 34.18 5.69
N ALA D 281 17.89 35.26 6.14
CA ALA D 281 19.33 35.24 6.32
C ALA D 281 19.74 34.21 7.35
N THR D 282 18.95 34.07 8.43
CA THR D 282 19.20 33.01 9.40
C THR D 282 19.14 31.63 8.73
N ASN D 283 18.16 31.44 7.84
CA ASN D 283 18.05 30.17 7.11
C ASN D 283 19.30 29.90 6.27
N ALA D 284 19.79 30.93 5.57
CA ALA D 284 20.97 30.76 4.72
C ALA D 284 22.17 30.28 5.54
N LYS D 285 22.43 30.93 6.67
CA LYS D 285 23.60 30.58 7.47
C LYS D 285 23.51 29.16 8.04
N VAL D 286 22.29 28.67 8.26
CA VAL D 286 22.13 27.30 8.74
C VAL D 286 22.48 26.30 7.64
N ILE D 287 22.11 26.60 6.39
CA ILE D 287 22.34 25.67 5.29
C ILE D 287 23.82 25.58 4.96
N LYS D 288 24.53 26.72 4.97
CA LYS D 288 25.94 26.72 4.60
C LYS D 288 26.86 26.27 5.74
N GLU D 289 26.32 25.87 6.88
CA GLU D 289 27.13 25.36 7.98
C GLU D 289 27.65 23.97 7.61
N SER D 290 28.98 23.82 7.65
CA SER D 290 29.59 22.55 7.22
C SER D 290 29.21 21.41 8.16
N SER D 291 29.28 21.64 9.47
CA SER D 291 28.99 20.60 10.44
C SER D 291 27.52 20.23 10.53
N TYR D 292 26.65 20.89 9.75
CA TYR D 292 25.22 20.61 9.79
C TYR D 292 24.81 19.59 8.73
N TYR D 293 25.17 19.82 7.47
CA TYR D 293 24.75 18.96 6.37
C TYR D 293 25.93 18.28 5.69
N GLN D 294 26.95 19.04 5.30
CA GLN D 294 28.04 18.48 4.49
C GLN D 294 28.86 17.47 5.29
N ASP D 295 29.17 17.78 6.54
CA ASP D 295 30.03 16.92 7.36
C ASP D 295 29.26 15.79 8.04
N ASN D 296 27.93 15.76 7.91
CA ASN D 296 27.11 14.70 8.47
C ASN D 296 26.97 13.51 7.53
N LEU D 297 27.69 13.51 6.42
CA LEU D 297 27.51 12.51 5.36
C LEU D 297 28.62 11.48 5.43
N ASN D 298 28.23 10.20 5.49
CA ASN D 298 29.21 9.12 5.41
C ASN D 298 29.72 8.94 3.99
N ASN D 299 28.87 9.21 2.99
CA ASN D 299 29.27 9.14 1.60
C ASN D 299 30.22 10.30 1.24
N ASP D 300 30.83 10.18 0.06
CA ASP D 300 31.81 11.16 -0.41
C ASP D 300 31.18 12.20 -1.33
N LYS D 301 29.89 12.43 -1.23
CA LYS D 301 29.20 13.46 -2.01
C LYS D 301 28.84 14.65 -1.13
N LYS D 302 28.19 15.63 -1.75
CA LYS D 302 27.69 16.81 -1.07
C LYS D 302 26.16 16.77 -1.06
N VAL D 303 25.55 17.90 -0.72
CA VAL D 303 24.10 17.97 -0.53
C VAL D 303 23.43 17.93 -1.90
N VAL D 304 22.68 16.87 -2.17
CA VAL D 304 21.99 16.68 -3.44
C VAL D 304 20.48 16.75 -3.29
N ASN D 305 19.94 16.65 -2.09
CA ASN D 305 18.51 16.63 -1.84
C ASN D 305 18.11 17.95 -1.19
N PHE D 306 16.99 18.51 -1.61
CA PHE D 306 16.56 19.80 -1.09
C PHE D 306 15.05 19.86 -0.90
N PHE D 307 14.63 20.67 0.08
CA PHE D 307 13.23 20.91 0.41
C PHE D 307 12.93 22.40 0.36
N VAL D 308 11.65 22.73 0.16
CA VAL D 308 11.19 24.12 0.10
C VAL D 308 9.89 24.25 0.88
N ALA D 309 9.77 25.30 1.67
CA ALA D 309 8.56 25.54 2.45
C ALA D 309 8.34 27.04 2.61
N LYS D 310 7.16 27.40 3.09
CA LYS D 310 6.81 28.79 3.31
C LYS D 310 7.45 29.32 4.58
N ASP D 311 7.50 30.66 4.70
CA ASP D 311 8.02 31.32 5.88
C ASP D 311 6.89 32.04 6.62
N GLY D 312 7.25 32.83 7.63
CA GLY D 312 6.27 33.57 8.39
C GLY D 312 6.13 35.02 8.01
N SER D 313 6.44 35.35 6.74
CA SER D 313 6.27 36.71 6.27
C SER D 313 4.80 37.08 6.18
N THR D 314 4.02 36.32 5.43
CA THR D 314 2.58 36.56 5.35
C THR D 314 1.91 36.21 6.67
N LYS D 315 2.00 34.95 7.09
CA LYS D 315 1.46 34.50 8.37
C LYS D 315 2.38 33.45 8.95
N GLU D 316 2.81 33.65 10.19
CA GLU D 316 3.71 32.71 10.84
C GLU D 316 3.08 31.33 10.98
N ASP D 317 1.74 31.27 11.06
CA ASP D 317 1.05 29.98 11.11
C ASP D 317 1.39 29.11 9.91
N GLN D 318 1.59 29.72 8.73
CA GLN D 318 1.88 28.95 7.52
C GLN D 318 3.18 28.14 7.64
N LEU D 319 4.10 28.57 8.52
CA LEU D 319 5.36 27.86 8.69
C LEU D 319 5.18 26.44 9.23
N VAL D 320 4.01 26.08 9.74
CA VAL D 320 3.79 24.73 10.26
C VAL D 320 3.97 23.68 9.16
N ASP D 321 3.89 24.09 7.89
CA ASP D 321 4.14 23.15 6.80
C ASP D 321 5.56 22.60 6.84
N ALA D 322 6.53 23.45 7.16
CA ALA D 322 7.93 23.00 7.21
C ALA D 322 8.20 22.12 8.42
N LEU D 323 7.34 22.18 9.43
CA LEU D 323 7.55 21.40 10.66
C LEU D 323 7.40 19.90 10.38
N ALA D 324 6.29 19.51 9.74
CA ALA D 324 6.05 18.09 9.46
C ALA D 324 7.03 17.54 8.44
N ALA D 325 7.57 18.38 7.56
CA ALA D 325 8.51 17.92 6.55
C ALA D 325 9.92 17.68 7.09
N ALA D 326 10.21 18.17 8.30
CA ALA D 326 11.55 17.98 8.85
C ALA D 326 11.87 16.51 9.13
N PRO D 327 11.00 15.72 9.81
CA PRO D 327 11.31 14.30 9.98
C PRO D 327 11.52 13.57 8.67
N VAL D 328 10.93 14.06 7.58
CA VAL D 328 11.15 13.43 6.27
C VAL D 328 12.50 13.87 5.71
N ALA D 329 12.79 15.17 5.74
CA ALA D 329 14.01 15.69 5.14
C ALA D 329 15.26 15.27 5.91
N ALA D 330 15.12 14.98 7.21
CA ALA D 330 16.29 14.60 8.01
C ALA D 330 16.87 13.26 7.54
N ASN D 331 16.05 12.23 7.48
CA ASN D 331 16.46 10.91 7.00
C ASN D 331 15.87 10.68 5.61
N PHE D 332 16.68 10.99 4.59
CA PHE D 332 16.27 10.98 3.18
C PHE D 332 17.32 10.28 2.35
N GLY D 333 16.88 9.70 1.23
CA GLY D 333 17.74 8.92 0.36
C GLY D 333 17.67 7.43 0.54
N VAL D 334 16.99 6.94 1.59
CA VAL D 334 16.88 5.52 1.84
C VAL D 334 15.46 5.19 2.26
N THR D 335 15.03 3.98 1.91
CA THR D 335 13.72 3.44 2.29
C THR D 335 13.97 2.21 3.16
N LEU D 336 13.43 2.21 4.37
CA LEU D 336 13.69 1.16 5.35
C LEU D 336 12.46 0.28 5.50
N ASN D 337 12.69 -1.03 5.69
CA ASN D 337 11.62 -1.98 5.87
C ASN D 337 11.33 -2.18 7.35
N SER D 338 10.63 -3.27 7.70
CA SER D 338 10.32 -3.54 9.10
C SER D 338 11.58 -3.87 9.91
N ASP D 339 12.57 -4.52 9.29
CA ASP D 339 13.78 -4.92 9.99
C ASP D 339 14.85 -3.84 10.03
N GLY D 340 14.63 -2.71 9.36
CA GLY D 340 15.60 -1.65 9.34
C GLY D 340 16.69 -1.79 8.30
N LYS D 341 16.43 -2.55 7.23
CA LYS D 341 17.32 -2.77 6.09
C LYS D 341 16.85 -1.96 4.89
N PRO D 342 17.78 -1.44 4.06
CA PRO D 342 17.35 -0.61 2.93
C PRO D 342 16.75 -1.47 1.82
N VAL D 343 15.82 -0.86 1.07
CA VAL D 343 15.07 -1.56 0.04
C VAL D 343 14.87 -0.64 -1.16
N ASP D 344 14.42 -1.25 -2.25
CA ASP D 344 13.85 -0.54 -3.41
C ASP D 344 12.52 -1.21 -3.70
N LYS D 345 12.56 -2.54 -3.76
CA LYS D 345 11.41 -3.40 -3.56
C LYS D 345 11.68 -4.50 -2.54
N ASP D 346 12.94 -4.86 -2.34
CA ASP D 346 13.36 -5.84 -1.34
C ASP D 346 14.81 -5.54 -0.97
N GLY D 347 15.37 -6.38 -0.10
CA GLY D 347 16.71 -6.20 0.44
C GLY D 347 17.79 -5.80 -0.54
N LYS D 348 18.74 -4.97 -0.08
CA LYS D 348 19.89 -4.56 -0.86
C LYS D 348 21.13 -4.60 0.02
N VAL D 349 22.25 -5.01 -0.57
CA VAL D 349 23.52 -5.08 0.16
C VAL D 349 24.67 -4.42 -0.61
N ASN D 355 24.49 -0.28 -1.25
CA ASN D 355 25.44 -0.04 -0.18
C ASN D 355 24.74 0.00 1.17
N ASP D 356 25.48 0.35 2.22
CA ASP D 356 24.93 0.44 3.56
C ASP D 356 23.97 1.61 3.67
N LYS D 357 23.00 1.49 4.59
CA LYS D 357 21.99 2.53 4.76
C LYS D 357 22.63 3.87 5.13
N ASN D 358 23.47 3.88 6.18
CA ASN D 358 24.07 5.13 6.64
C ASN D 358 24.93 5.77 5.57
N LYS D 359 25.56 4.96 4.73
CA LYS D 359 26.36 5.46 3.61
C LYS D 359 25.49 5.99 2.47
N LEU D 360 24.22 5.57 2.42
CA LEU D 360 23.30 5.97 1.37
C LEU D 360 22.38 7.13 1.79
N VAL D 361 22.32 7.46 3.07
CA VAL D 361 21.48 8.55 3.55
C VAL D 361 22.06 9.90 3.13
N SER D 362 21.22 10.77 2.60
CA SER D 362 21.60 12.15 2.28
C SER D 362 20.46 13.08 2.68
N PRO D 363 20.56 13.72 3.85
CA PRO D 363 19.48 14.62 4.30
C PRO D 363 19.31 15.81 3.37
N ALA D 364 18.17 16.48 3.53
CA ALA D 364 17.80 17.61 2.70
C ALA D 364 17.49 18.83 3.58
N PRO D 365 18.13 19.97 3.33
CA PRO D 365 17.77 21.19 4.07
C PRO D 365 16.47 21.79 3.58
N ILE D 366 15.68 22.30 4.52
CA ILE D 366 14.45 23.02 4.20
C ILE D 366 14.78 24.48 3.96
N VAL D 367 14.47 24.97 2.76
CA VAL D 367 14.67 26.37 2.39
C VAL D 367 13.37 27.12 2.62
N LEU D 368 13.44 28.21 3.36
CA LEU D 368 12.26 28.97 3.77
C LEU D 368 12.07 30.13 2.79
N ALA D 369 10.99 30.09 2.02
CA ALA D 369 10.69 31.17 1.07
C ALA D 369 9.24 31.05 0.61
N THR D 370 8.52 32.18 0.67
CA THR D 370 7.15 32.27 0.18
C THR D 370 7.02 33.17 -1.04
N ASP D 371 7.56 34.38 -0.98
CA ASP D 371 7.44 35.35 -2.06
C ASP D 371 8.67 35.44 -2.95
N SER D 372 9.86 35.44 -2.38
CA SER D 372 11.08 35.59 -3.16
C SER D 372 12.23 34.90 -2.44
N LEU D 373 13.22 34.49 -3.22
CA LEU D 373 14.41 33.82 -2.68
C LEU D 373 15.54 34.83 -2.57
N SER D 374 16.12 34.94 -1.37
CA SER D 374 17.16 35.91 -1.11
C SER D 374 18.45 35.55 -1.85
N SER D 375 19.30 36.56 -2.03
CA SER D 375 20.63 36.33 -2.61
C SER D 375 21.50 35.55 -1.65
N ASP D 376 21.34 35.78 -0.34
CA ASP D 376 22.11 35.01 0.64
C ASP D 376 21.72 33.54 0.60
N GLN D 377 20.42 33.26 0.52
CA GLN D 377 19.97 31.87 0.39
C GLN D 377 20.48 31.23 -0.90
N SER D 378 20.52 32.02 -1.98
CA SER D 378 21.01 31.51 -3.26
C SER D 378 22.48 31.13 -3.17
N VAL D 379 23.31 32.00 -2.58
CA VAL D 379 24.74 31.71 -2.44
C VAL D 379 24.95 30.50 -1.56
N SER D 380 24.20 30.42 -0.45
CA SER D 380 24.34 29.29 0.46
C SER D 380 23.97 27.98 -0.22
N ILE D 381 22.87 27.97 -0.98
CA ILE D 381 22.45 26.75 -1.67
C ILE D 381 23.50 26.31 -2.70
N SER D 382 24.13 27.27 -3.36
CA SER D 382 25.17 26.92 -4.34
C SER D 382 26.41 26.34 -3.66
N LYS D 383 26.71 26.76 -2.44
CA LYS D 383 27.89 26.25 -1.74
C LYS D 383 27.76 24.77 -1.42
N VAL D 384 26.57 24.33 -0.98
CA VAL D 384 26.39 22.96 -0.51
C VAL D 384 26.16 21.96 -1.62
N LEU D 385 25.91 22.42 -2.86
CA LEU D 385 25.57 21.51 -3.94
C LEU D 385 26.78 20.72 -4.41
N ASP D 386 26.55 19.46 -4.78
CA ASP D 386 27.58 18.61 -5.33
C ASP D 386 27.86 18.98 -6.79
N LYS D 387 29.03 18.54 -7.28
CA LYS D 387 29.41 18.79 -8.68
C LYS D 387 28.35 18.26 -9.64
N ASP D 388 27.90 17.03 -9.42
CA ASP D 388 26.86 16.44 -10.27
C ASP D 388 25.50 17.10 -10.10
N ASN D 389 25.36 18.03 -9.16
CA ASN D 389 24.18 18.88 -8.99
C ASN D 389 22.99 18.12 -8.42
N GLY D 390 21.86 18.83 -8.27
CA GLY D 390 20.69 18.34 -7.59
C GLY D 390 20.13 17.01 -8.06
N GLU D 391 19.56 16.25 -7.13
CA GLU D 391 18.95 14.96 -7.45
C GLU D 391 17.52 14.80 -6.97
N ASN D 392 17.07 15.58 -6.00
CA ASN D 392 15.69 15.52 -5.50
C ASN D 392 15.30 16.87 -4.93
N LEU D 393 14.15 17.38 -5.35
CA LEU D 393 13.60 18.63 -4.82
C LEU D 393 12.14 18.42 -4.46
N VAL D 394 11.74 18.87 -3.28
CA VAL D 394 10.38 18.70 -2.78
C VAL D 394 9.81 20.06 -2.38
N GLN D 395 8.65 20.39 -2.92
CA GLN D 395 7.91 21.60 -2.58
C GLN D 395 6.73 21.23 -1.69
N VAL D 396 6.79 21.61 -0.42
CA VAL D 396 5.77 21.25 0.56
C VAL D 396 4.86 22.45 0.81
N GLY D 397 3.58 22.27 0.51
CA GLY D 397 2.57 23.28 0.76
C GLY D 397 2.24 24.09 -0.49
N LYS D 398 1.14 24.81 -0.40
CA LYS D 398 0.68 25.67 -1.48
C LYS D 398 0.99 27.13 -1.17
N GLY D 399 0.85 27.97 -2.19
CA GLY D 399 1.06 29.40 -2.05
C GLY D 399 2.49 29.86 -2.29
N ILE D 400 3.42 28.94 -2.52
CA ILE D 400 4.79 29.33 -2.83
C ILE D 400 4.85 29.86 -4.26
N ALA D 401 5.47 31.02 -4.43
CA ALA D 401 5.53 31.64 -5.75
C ALA D 401 6.36 30.79 -6.70
N THR D 402 5.96 30.80 -7.98
CA THR D 402 6.73 30.08 -9.00
C THR D 402 8.09 30.72 -9.25
N SER D 403 8.25 32.01 -8.93
CA SER D 403 9.55 32.66 -9.07
C SER D 403 10.62 31.94 -8.27
N VAL D 404 10.31 31.59 -7.02
CA VAL D 404 11.28 30.92 -6.16
C VAL D 404 11.65 29.56 -6.73
N ILE D 405 10.63 28.78 -7.12
CA ILE D 405 10.88 27.44 -7.64
C ILE D 405 11.70 27.51 -8.93
N ASN D 406 11.46 28.54 -9.75
CA ASN D 406 12.23 28.69 -10.98
C ASN D 406 13.70 28.96 -10.70
N LYS D 407 14.00 29.86 -9.77
CA LYS D 407 15.40 30.13 -9.43
C LYS D 407 16.08 28.89 -8.83
N LEU D 408 15.36 28.17 -7.97
CA LEU D 408 15.92 26.96 -7.35
C LEU D 408 16.29 25.92 -8.39
N LYS D 409 15.38 25.65 -9.34
CA LYS D 409 15.67 24.65 -10.36
C LYS D 409 16.86 25.07 -11.22
N ASP D 410 17.11 26.38 -11.34
CA ASP D 410 18.30 26.85 -12.03
C ASP D 410 19.55 26.65 -11.17
N LEU D 411 19.44 26.88 -9.86
CA LEU D 411 20.57 26.65 -8.98
C LEU D 411 20.89 25.17 -8.86
N LEU D 412 19.86 24.32 -8.87
CA LEU D 412 20.02 22.88 -8.66
C LEU D 412 20.16 22.10 -9.95
N SER D 413 20.00 22.74 -11.12
CA SER D 413 20.03 22.06 -12.41
C SER D 413 18.95 20.97 -12.48
N MET D 414 17.70 21.41 -12.39
CA MET D 414 16.55 20.53 -12.52
C MET D 414 15.51 21.16 -13.44
#